data_2C9O
#
_entry.id   2C9O
#
_cell.length_a   207.080
_cell.length_b   207.080
_cell.length_c   60.710
_cell.angle_alpha   90.00
_cell.angle_beta   90.00
_cell.angle_gamma   120.00
#
_symmetry.space_group_name_H-M   'P 6'
#
loop_
_entity.id
_entity.type
_entity.pdbx_description
1 polymer 'RUVB-LIKE 1'
2 non-polymer "ADENOSINE-5'-DIPHOSPHATE"
3 water water
#
_entity_poly.entity_id   1
_entity_poly.type   'polypeptide(L)'
_entity_poly.pdbx_seq_one_letter_code
;MKIEEVKSTTKTQRIASHSHVKGLGLDESGLAKQAASGLVGQENAREACGVIVELIKSKKMAGRAVLLAGPPGTGKTALA
LAIAQELGSKVPFCPMVGSEVYSTEIKKTEVLMENFRRAIGLRIKETKEVYEGEVTELTPCETENPMGGYGKTISHVIIG
LKTAKGTKQLKLDPSIFESLQKERVEAGDVIYIEANSGAVKRQGRCDTYATEFDLEAEEYVPLPKGDVHKKKEIIQDVTL
HDLDVANARPQGGQDILSMMGQLMKPKKTEITDKLRGEINKVVNKYIDQGIAELVPGVLFVDEVHMLDIECFTYLHRALE
SSIAPIVIFASNRGNCVIRGTEDITSPHGIPLDLLDRVMIIRTMLYTPQEMKQIIKIRAQTEGINISEEALNHLGEIGTK
TTLRYSVQLLTPANLLAKINGKDSIEKEHVEEISELFYDAKSSAKILADQQDKYMK
;
_entity_poly.pdbx_strand_id   A,B,C
#
loop_
_chem_comp.id
_chem_comp.type
_chem_comp.name
_chem_comp.formula
ADP non-polymer ADENOSINE-5'-DIPHOSPHATE 'C10 H15 N5 O10 P2'
#
# COMPACT_ATOMS: atom_id res chain seq x y z
N THR A 9 -19.59 -29.26 -8.62
CA THR A 9 -18.64 -29.67 -7.53
C THR A 9 -18.07 -31.08 -7.76
N THR A 10 -18.94 -32.09 -7.83
CA THR A 10 -18.46 -33.44 -8.13
C THR A 10 -17.67 -33.42 -9.44
N LYS A 11 -18.10 -32.59 -10.41
CA LYS A 11 -17.39 -32.53 -11.71
C LYS A 11 -16.06 -31.74 -11.66
N THR A 12 -16.02 -30.59 -10.97
CA THR A 12 -14.75 -29.86 -10.82
C THR A 12 -13.79 -30.75 -10.03
N GLN A 13 -14.33 -31.36 -8.97
CA GLN A 13 -13.66 -32.38 -8.18
C GLN A 13 -13.16 -33.50 -9.06
N ARG A 14 -14.02 -33.96 -9.98
CA ARG A 14 -13.67 -35.02 -10.92
C ARG A 14 -12.49 -34.66 -11.84
N ILE A 15 -12.38 -33.38 -12.22
CA ILE A 15 -11.35 -32.96 -13.15
C ILE A 15 -10.03 -32.47 -12.47
N ALA A 16 -10.03 -32.40 -11.14
CA ALA A 16 -8.90 -31.83 -10.38
C ALA A 16 -7.64 -32.67 -10.48
N SER A 17 -7.76 -34.00 -10.51
CA SER A 17 -6.59 -34.81 -10.65
C SER A 17 -5.99 -34.75 -12.06
N HIS A 18 -6.67 -34.04 -12.95
CA HIS A 18 -6.20 -33.80 -14.32
C HIS A 18 -5.86 -32.35 -14.61
N SER A 19 -5.60 -31.52 -13.57
CA SER A 19 -5.34 -30.10 -13.72
C SER A 19 -4.10 -29.77 -14.52
N HIS A 20 -3.24 -30.79 -14.69
CA HIS A 20 -2.00 -30.64 -15.45
C HIS A 20 -2.15 -30.92 -16.98
N VAL A 21 -3.30 -31.45 -17.37
CA VAL A 21 -3.57 -31.89 -18.73
C VAL A 21 -4.04 -30.70 -19.58
N LYS A 22 -3.20 -30.34 -20.55
CA LYS A 22 -3.41 -29.15 -21.39
C LYS A 22 -3.78 -29.47 -22.82
N GLY A 23 -3.72 -30.73 -23.19
CA GLY A 23 -3.88 -31.14 -24.56
C GLY A 23 -3.20 -32.49 -24.65
N LEU A 24 -2.98 -32.95 -25.89
CA LEU A 24 -2.49 -34.29 -26.17
C LEU A 24 -0.99 -34.29 -26.42
N GLY A 25 -0.38 -33.10 -26.53
CA GLY A 25 1.05 -33.00 -26.70
C GLY A 25 1.61 -33.68 -27.94
N LEU A 26 1.04 -33.36 -29.08
CA LEU A 26 1.50 -33.93 -30.37
C LEU A 26 2.16 -32.86 -31.18
N ASP A 27 2.97 -33.25 -32.16
CA ASP A 27 3.57 -32.29 -33.04
C ASP A 27 2.65 -32.10 -34.22
N GLU A 28 3.15 -31.35 -35.20
CA GLU A 28 2.36 -30.93 -36.35
C GLU A 28 2.06 -32.10 -37.26
N SER A 29 2.95 -33.09 -37.24
CA SER A 29 2.74 -34.38 -37.93
C SER A 29 1.68 -35.21 -37.22
N GLY A 30 1.27 -34.79 -36.02
CA GLY A 30 0.29 -35.53 -35.23
C GLY A 30 0.91 -36.64 -34.38
N LEU A 31 2.24 -36.67 -34.26
CA LEU A 31 2.94 -37.70 -33.48
C LEU A 31 3.22 -37.21 -32.07
N ALA A 32 3.30 -38.15 -31.12
CA ALA A 32 3.37 -37.81 -29.69
C ALA A 32 4.77 -37.28 -29.33
N LYS A 33 4.81 -36.15 -28.63
CA LYS A 33 6.07 -35.67 -28.11
C LYS A 33 6.37 -36.36 -26.79
N GLN A 34 7.64 -36.61 -26.52
CA GLN A 34 8.14 -37.22 -25.26
C GLN A 34 7.34 -36.85 -24.01
N ALA A 35 7.11 -35.55 -23.88
CA ALA A 35 6.34 -35.07 -22.76
C ALA A 35 5.93 -33.68 -23.11
N ALA A 36 4.63 -33.47 -23.27
CA ALA A 36 4.13 -32.16 -23.63
C ALA A 36 2.66 -32.05 -23.28
N SER A 37 2.22 -30.83 -22.98
CA SER A 37 0.86 -30.55 -22.57
C SER A 37 0.46 -31.33 -21.32
N GLY A 38 1.43 -31.73 -20.50
CA GLY A 38 1.17 -32.46 -19.27
C GLY A 38 1.19 -33.98 -19.36
N LEU A 39 1.19 -34.52 -20.57
CA LEU A 39 1.12 -35.95 -20.77
C LEU A 39 2.49 -36.56 -21.04
N VAL A 40 2.73 -37.74 -20.51
CA VAL A 40 3.97 -38.47 -20.71
C VAL A 40 3.57 -39.89 -21.03
N GLY A 41 4.19 -40.50 -22.02
CA GLY A 41 3.91 -41.86 -22.36
C GLY A 41 2.54 -41.96 -22.99
N GLN A 42 2.01 -43.18 -23.02
CA GLN A 42 0.71 -43.46 -23.66
C GLN A 42 0.61 -42.88 -25.09
N GLU A 43 1.70 -42.99 -25.85
CA GLU A 43 1.83 -42.28 -27.11
C GLU A 43 0.89 -42.72 -28.23
N ASN A 44 0.74 -44.03 -28.43
CA ASN A 44 -0.18 -44.56 -29.43
C ASN A 44 -1.57 -44.00 -29.23
N ALA A 45 -2.08 -44.06 -27.98
CA ALA A 45 -3.43 -43.58 -27.69
C ALA A 45 -3.58 -42.09 -27.89
N ARG A 46 -2.58 -41.34 -27.46
CA ARG A 46 -2.53 -39.89 -27.70
C ARG A 46 -2.60 -39.56 -29.16
N GLU A 47 -1.86 -40.29 -30.00
CA GLU A 47 -1.94 -40.13 -31.44
C GLU A 47 -3.31 -40.52 -32.03
N ALA A 48 -3.91 -41.60 -31.55
CA ALA A 48 -5.29 -41.93 -31.93
C ALA A 48 -6.26 -40.83 -31.52
N CYS A 49 -6.16 -40.30 -30.31
CA CYS A 49 -7.02 -39.15 -29.95
C CYS A 49 -6.83 -37.93 -30.84
N GLY A 50 -5.63 -37.74 -31.35
CA GLY A 50 -5.36 -36.65 -32.28
C GLY A 50 -6.07 -36.79 -33.62
N VAL A 51 -6.17 -38.02 -34.12
CA VAL A 51 -7.04 -38.28 -35.26
C VAL A 51 -8.50 -37.96 -34.95
N ILE A 52 -8.99 -38.37 -33.79
CA ILE A 52 -10.34 -37.99 -33.37
C ILE A 52 -10.49 -36.49 -33.37
N VAL A 53 -9.53 -35.79 -32.79
CA VAL A 53 -9.63 -34.33 -32.75
C VAL A 53 -9.77 -33.76 -34.16
N GLU A 54 -8.96 -34.23 -35.09
CA GLU A 54 -9.05 -33.70 -36.46
C GLU A 54 -10.38 -34.07 -37.12
N LEU A 55 -10.87 -35.28 -36.88
CA LEU A 55 -12.15 -35.71 -37.41
C LEU A 55 -13.29 -34.81 -36.89
N ILE A 56 -13.25 -34.51 -35.61
CA ILE A 56 -14.26 -33.66 -35.00
C ILE A 56 -14.19 -32.28 -35.61
N LYS A 57 -12.98 -31.72 -35.71
CA LYS A 57 -12.82 -30.40 -36.28
C LYS A 57 -13.25 -30.33 -37.76
N SER A 58 -13.04 -31.42 -38.49
CA SER A 58 -13.52 -31.58 -39.87
C SER A 58 -15.00 -31.93 -40.00
N LYS A 59 -15.67 -32.20 -38.88
CA LYS A 59 -17.05 -32.65 -38.85
C LYS A 59 -17.24 -33.92 -39.65
N LYS A 60 -16.39 -34.90 -39.36
CA LYS A 60 -16.45 -36.21 -39.98
C LYS A 60 -16.77 -37.24 -38.94
N MET A 61 -17.32 -36.79 -37.82
CA MET A 61 -17.64 -37.68 -36.69
C MET A 61 -19.14 -38.01 -36.61
N ALA A 62 -19.90 -37.58 -37.61
CA ALA A 62 -21.34 -37.75 -37.64
C ALA A 62 -21.72 -39.20 -37.42
N GLY A 63 -22.47 -39.42 -36.36
CA GLY A 63 -22.87 -40.75 -35.94
C GLY A 63 -21.76 -41.66 -35.44
N ARG A 64 -20.60 -41.13 -35.06
CA ARG A 64 -19.55 -41.98 -34.49
C ARG A 64 -19.37 -41.55 -33.05
N ALA A 65 -18.79 -42.42 -32.25
CA ALA A 65 -18.44 -42.11 -30.88
C ALA A 65 -17.08 -42.74 -30.68
N VAL A 66 -16.49 -42.52 -29.50
CA VAL A 66 -15.16 -43.00 -29.18
C VAL A 66 -15.31 -43.91 -27.97
N LEU A 67 -14.49 -44.97 -27.91
CA LEU A 67 -14.34 -45.82 -26.76
C LEU A 67 -12.85 -45.92 -26.40
N LEU A 68 -12.51 -45.49 -25.20
CA LEU A 68 -11.18 -45.74 -24.57
C LEU A 68 -11.26 -47.00 -23.71
N ALA A 69 -10.44 -47.99 -24.04
CA ALA A 69 -10.45 -49.27 -23.40
C ALA A 69 -9.11 -49.61 -22.80
N GLY A 70 -9.09 -49.83 -21.50
CA GLY A 70 -7.91 -50.26 -20.85
C GLY A 70 -8.11 -50.27 -19.37
N PRO A 71 -7.10 -50.78 -18.68
CA PRO A 71 -7.25 -50.99 -17.26
C PRO A 71 -7.39 -49.69 -16.49
N PRO A 72 -7.75 -49.80 -15.21
CA PRO A 72 -7.83 -48.64 -14.31
C PRO A 72 -6.48 -47.91 -14.20
N GLY A 73 -6.54 -46.58 -14.19
CA GLY A 73 -5.36 -45.73 -14.12
C GLY A 73 -4.43 -45.76 -15.33
N THR A 74 -4.98 -45.80 -16.53
CA THR A 74 -4.18 -45.83 -17.74
C THR A 74 -4.50 -44.58 -18.53
N GLY A 75 -5.08 -43.59 -17.86
CA GLY A 75 -5.28 -42.31 -18.49
C GLY A 75 -6.49 -42.16 -19.37
N LYS A 76 -7.49 -43.01 -19.23
CA LYS A 76 -8.65 -42.91 -20.12
C LYS A 76 -9.36 -41.57 -19.88
N THR A 77 -9.57 -41.19 -18.61
CA THR A 77 -10.22 -39.91 -18.30
C THR A 77 -9.35 -38.74 -18.74
N ALA A 78 -8.05 -38.82 -18.47
CA ALA A 78 -7.07 -37.78 -18.91
C ALA A 78 -7.12 -37.52 -20.39
N LEU A 79 -7.17 -38.61 -21.16
CA LEU A 79 -7.19 -38.54 -22.64
C LEU A 79 -8.46 -37.93 -23.16
N ALA A 80 -9.58 -38.29 -22.56
CA ALA A 80 -10.85 -37.68 -22.93
C ALA A 80 -10.84 -36.20 -22.67
N LEU A 81 -10.28 -35.83 -21.54
CA LEU A 81 -10.21 -34.42 -21.18
C LEU A 81 -9.28 -33.64 -22.10
N ALA A 82 -8.16 -34.26 -22.41
CA ALA A 82 -7.18 -33.74 -23.34
C ALA A 82 -7.78 -33.47 -24.71
N ILE A 83 -8.69 -34.32 -25.17
CA ILE A 83 -9.38 -34.11 -26.46
C ILE A 83 -10.17 -32.82 -26.39
N ALA A 84 -10.87 -32.58 -25.28
CA ALA A 84 -11.65 -31.36 -25.12
C ALA A 84 -10.75 -30.13 -25.04
N GLN A 85 -9.56 -30.29 -24.45
CA GLN A 85 -8.57 -29.22 -24.37
C GLN A 85 -8.14 -28.86 -25.78
N GLU A 86 -7.89 -29.87 -26.61
CA GLU A 86 -7.44 -29.63 -27.99
C GLU A 86 -8.48 -28.96 -28.87
N LEU A 87 -9.75 -29.16 -28.60
CA LEU A 87 -10.81 -28.39 -29.24
C LEU A 87 -10.86 -26.94 -28.69
N GLY A 88 -10.28 -26.69 -27.51
CA GLY A 88 -10.32 -25.39 -26.78
C GLY A 88 -10.36 -25.61 -25.24
N SER A 89 -9.59 -24.81 -24.49
CA SER A 89 -9.71 -24.78 -23.02
C SER A 89 -11.10 -24.30 -22.58
N LYS A 90 -11.75 -23.51 -23.46
CA LYS A 90 -13.19 -23.22 -23.46
C LYS A 90 -14.21 -24.36 -23.65
N VAL A 91 -13.86 -25.40 -24.39
CA VAL A 91 -14.86 -26.39 -24.81
C VAL A 91 -15.36 -27.21 -23.60
N PRO A 92 -16.69 -27.33 -23.42
CA PRO A 92 -17.21 -28.09 -22.26
C PRO A 92 -16.84 -29.56 -22.24
N PHE A 93 -16.41 -30.03 -21.08
CA PHE A 93 -16.04 -31.39 -20.83
C PHE A 93 -16.92 -31.86 -19.70
N CYS A 94 -17.71 -32.90 -19.91
CA CYS A 94 -18.57 -33.36 -18.85
C CYS A 94 -18.29 -34.84 -18.60
N PRO A 95 -17.59 -35.14 -17.48
CA PRO A 95 -17.34 -36.52 -17.10
C PRO A 95 -18.46 -37.12 -16.23
N MET A 96 -18.90 -38.32 -16.58
CA MET A 96 -19.89 -39.02 -15.77
C MET A 96 -19.45 -40.47 -15.66
N VAL A 97 -20.09 -41.17 -14.75
CA VAL A 97 -19.91 -42.63 -14.64
C VAL A 97 -21.29 -43.27 -14.90
N GLY A 98 -21.33 -44.41 -15.56
CA GLY A 98 -22.61 -44.95 -16.02
C GLY A 98 -23.58 -45.29 -14.91
N SER A 99 -23.05 -45.67 -13.75
CA SER A 99 -23.93 -45.97 -12.62
C SER A 99 -24.71 -44.76 -12.10
N GLU A 100 -24.32 -43.56 -12.50
CA GLU A 100 -25.06 -42.33 -12.13
C GLU A 100 -26.46 -42.24 -12.70
N VAL A 101 -26.77 -43.07 -13.69
CA VAL A 101 -28.13 -43.07 -14.24
C VAL A 101 -29.14 -43.67 -13.28
N TYR A 102 -28.66 -44.48 -12.33
CA TYR A 102 -29.55 -45.17 -11.38
C TYR A 102 -29.71 -44.35 -10.12
N SER A 103 -30.82 -43.64 -10.06
CA SER A 103 -31.06 -42.67 -9.04
C SER A 103 -32.54 -42.70 -8.73
N THR A 104 -32.88 -42.39 -7.49
CA THR A 104 -34.22 -42.61 -6.95
C THR A 104 -35.22 -41.51 -7.26
N GLU A 105 -34.73 -40.33 -7.64
CA GLU A 105 -35.63 -39.18 -7.82
C GLU A 105 -35.56 -38.57 -9.22
N ILE A 106 -34.77 -39.19 -10.09
CA ILE A 106 -34.62 -38.74 -11.46
C ILE A 106 -34.47 -39.97 -12.39
N LYS A 107 -35.25 -40.02 -13.47
CA LYS A 107 -35.14 -41.07 -14.48
C LYS A 107 -33.75 -41.15 -15.11
N LYS A 108 -33.39 -42.34 -15.57
CA LYS A 108 -32.07 -42.55 -16.14
C LYS A 108 -31.79 -41.76 -17.42
N THR A 109 -32.79 -41.49 -18.24
CA THR A 109 -32.55 -40.70 -19.44
C THR A 109 -32.63 -39.19 -19.16
N GLU A 110 -33.18 -38.79 -18.02
CA GLU A 110 -33.01 -37.42 -17.53
C GLU A 110 -31.59 -37.15 -16.99
N VAL A 111 -30.92 -38.16 -16.45
CA VAL A 111 -29.51 -38.01 -16.07
C VAL A 111 -28.66 -37.79 -17.33
N LEU A 112 -28.91 -38.62 -18.34
CA LEU A 112 -28.18 -38.60 -19.59
C LEU A 112 -28.40 -37.26 -20.30
N MET A 113 -29.66 -36.86 -20.39
CA MET A 113 -30.02 -35.59 -21.01
C MET A 113 -29.31 -34.40 -20.35
N GLU A 114 -29.31 -34.39 -19.02
CA GLU A 114 -28.68 -33.34 -18.23
C GLU A 114 -27.19 -33.28 -18.53
N ASN A 115 -26.56 -34.44 -18.61
CA ASN A 115 -25.15 -34.55 -18.93
C ASN A 115 -24.84 -34.18 -20.41
N PHE A 116 -25.77 -34.46 -21.31
CA PHE A 116 -25.67 -33.91 -22.65
C PHE A 116 -25.64 -32.39 -22.69
N ARG A 117 -26.56 -31.77 -21.98
CA ARG A 117 -26.67 -30.35 -21.91
C ARG A 117 -25.50 -29.61 -21.23
N ARG A 118 -24.85 -30.25 -20.26
CA ARG A 118 -23.59 -29.81 -19.69
C ARG A 118 -22.44 -29.86 -20.71
N ALA A 119 -22.59 -30.68 -21.73
CA ALA A 119 -21.53 -30.90 -22.67
C ALA A 119 -21.75 -30.09 -23.92
N ILE A 120 -22.78 -29.26 -23.97
CA ILE A 120 -22.97 -28.36 -25.11
C ILE A 120 -22.78 -26.90 -24.68
N GLY A 121 -21.78 -26.26 -25.26
CA GLY A 121 -21.44 -24.90 -24.93
C GLY A 121 -22.19 -23.90 -25.79
N LEU A 122 -22.33 -22.70 -25.25
CA LEU A 122 -22.86 -21.55 -25.98
C LEU A 122 -22.00 -20.33 -25.66
N ARG A 123 -21.43 -19.69 -26.69
CA ARG A 123 -20.70 -18.41 -26.59
C ARG A 123 -21.67 -17.29 -26.91
N ILE A 124 -21.97 -16.44 -25.95
CA ILE A 124 -22.94 -15.39 -26.15
C ILE A 124 -22.22 -14.04 -26.13
N LYS A 125 -22.41 -13.26 -27.19
CA LYS A 125 -21.94 -11.89 -27.31
C LYS A 125 -22.99 -10.93 -26.78
N GLU A 126 -22.65 -10.18 -25.74
CA GLU A 126 -23.55 -9.17 -25.21
C GLU A 126 -22.80 -7.87 -24.98
N THR A 127 -23.53 -6.77 -25.08
CA THR A 127 -23.05 -5.44 -24.77
C THR A 127 -23.64 -5.05 -23.41
N LYS A 128 -22.75 -4.68 -22.50
CA LYS A 128 -23.10 -4.33 -21.13
C LYS A 128 -22.52 -2.99 -20.75
N GLU A 129 -23.28 -2.29 -19.90
CA GLU A 129 -22.78 -1.11 -19.20
C GLU A 129 -21.73 -1.54 -18.18
N VAL A 130 -20.53 -0.97 -18.32
CA VAL A 130 -19.40 -1.24 -17.42
C VAL A 130 -18.71 0.03 -16.95
N TYR A 131 -17.90 -0.14 -15.92
CA TYR A 131 -16.85 0.79 -15.53
C TYR A 131 -15.58 0.01 -15.70
N GLU A 132 -14.66 0.53 -16.48
CA GLU A 132 -13.42 -0.17 -16.71
C GLU A 132 -12.18 0.72 -16.67
N GLY A 133 -11.03 0.09 -16.44
CA GLY A 133 -9.76 0.70 -16.67
C GLY A 133 -8.69 0.01 -15.89
N GLU A 134 -7.53 0.62 -15.88
CA GLU A 134 -6.46 0.29 -14.99
C GLU A 134 -6.75 0.78 -13.59
N VAL A 135 -6.51 -0.09 -12.62
CA VAL A 135 -6.79 0.20 -11.24
C VAL A 135 -5.61 1.04 -10.74
N THR A 136 -5.85 2.35 -10.63
CA THR A 136 -4.86 3.31 -10.16
C THR A 136 -4.76 3.36 -8.62
N GLU A 137 -5.82 2.95 -7.93
CA GLU A 137 -5.79 2.94 -6.47
C GLU A 137 -6.85 2.02 -5.88
N LEU A 138 -6.56 1.53 -4.67
CA LEU A 138 -7.50 0.79 -3.81
C LEU A 138 -7.36 1.33 -2.38
N THR A 139 -8.39 2.05 -1.90
CA THR A 139 -8.34 2.73 -0.62
C THR A 139 -9.61 2.42 0.18
N PRO A 140 -9.54 1.46 1.13
CA PRO A 140 -10.69 1.23 1.99
C PRO A 140 -10.85 2.40 2.94
N CYS A 141 -11.96 3.14 2.84
CA CYS A 141 -12.23 4.23 3.78
C CYS A 141 -13.12 3.76 4.92
N HIS A 156 -16.43 0.47 2.92
CA HIS A 156 -16.35 0.74 1.48
C HIS A 156 -14.92 0.93 1.02
N VAL A 157 -14.69 0.78 -0.29
CA VAL A 157 -13.38 0.90 -0.89
C VAL A 157 -13.41 1.85 -2.07
N ILE A 158 -12.52 2.86 -2.04
CA ILE A 158 -12.31 3.77 -3.15
C ILE A 158 -11.33 3.14 -4.15
N ILE A 159 -11.65 3.27 -5.42
CA ILE A 159 -10.87 2.75 -6.53
C ILE A 159 -10.80 3.88 -7.56
N GLY A 160 -9.65 4.02 -8.19
CA GLY A 160 -9.50 4.87 -9.36
C GLY A 160 -9.30 3.92 -10.52
N LEU A 161 -9.98 4.22 -11.63
CA LEU A 161 -9.93 3.46 -12.86
C LEU A 161 -9.45 4.41 -13.94
N LYS A 162 -8.46 4.00 -14.71
CA LYS A 162 -7.88 4.86 -15.72
C LYS A 162 -8.07 4.28 -17.11
N THR A 163 -8.56 5.11 -18.04
CA THR A 163 -8.58 4.78 -19.48
C THR A 163 -7.71 5.81 -20.23
N ALA A 164 -7.65 5.69 -21.55
CA ALA A 164 -6.95 6.68 -22.37
C ALA A 164 -7.54 8.08 -22.21
N LYS A 165 -8.82 8.19 -21.83
CA LYS A 165 -9.43 9.50 -21.70
C LYS A 165 -9.16 10.12 -20.32
N GLY A 166 -8.66 9.33 -19.36
CA GLY A 166 -8.34 9.85 -18.02
C GLY A 166 -8.72 8.91 -16.89
N THR A 167 -8.65 9.40 -15.65
CA THR A 167 -8.95 8.61 -14.47
C THR A 167 -10.24 9.08 -13.81
N LYS A 168 -11.03 8.11 -13.36
CA LYS A 168 -12.28 8.38 -12.63
C LYS A 168 -12.30 7.58 -11.34
N GLN A 169 -12.87 8.17 -10.27
CA GLN A 169 -13.00 7.47 -9.00
C GLN A 169 -14.37 6.81 -8.82
N LEU A 170 -14.34 5.59 -8.27
CA LEU A 170 -15.52 4.92 -7.78
C LEU A 170 -15.40 4.64 -6.30
N LYS A 171 -16.57 4.53 -5.65
CA LYS A 171 -16.67 4.01 -4.29
C LYS A 171 -17.47 2.69 -4.32
N LEU A 172 -16.82 1.60 -3.93
CA LEU A 172 -17.38 0.28 -4.01
C LEU A 172 -17.89 -0.16 -2.65
N ASP A 173 -19.10 -0.73 -2.65
CA ASP A 173 -19.62 -1.45 -1.50
C ASP A 173 -18.78 -2.70 -1.24
N PRO A 174 -18.81 -3.19 0.02
CA PRO A 174 -18.16 -4.45 0.39
C PRO A 174 -18.46 -5.59 -0.58
N SER A 175 -19.71 -5.69 -1.02
CA SER A 175 -20.16 -6.71 -1.97
C SER A 175 -19.28 -6.78 -3.26
N ILE A 176 -19.18 -5.68 -4.00
CA ILE A 176 -18.29 -5.61 -5.21
C ILE A 176 -16.79 -5.70 -4.83
N PHE A 177 -16.42 -5.18 -3.65
CA PHE A 177 -15.04 -5.29 -3.23
C PHE A 177 -14.63 -6.75 -3.00
N GLU A 178 -15.50 -7.52 -2.33
CA GLU A 178 -15.30 -8.97 -2.16
C GLU A 178 -15.05 -9.68 -3.51
N SER A 179 -15.83 -9.33 -4.54
CA SER A 179 -15.72 -9.92 -5.89
C SER A 179 -14.42 -9.56 -6.57
N LEU A 180 -14.02 -8.33 -6.33
CA LEU A 180 -12.77 -7.79 -6.86
C LEU A 180 -11.60 -8.51 -6.19
N GLN A 181 -11.71 -8.71 -4.89
CA GLN A 181 -10.75 -9.51 -4.12
C GLN A 181 -10.71 -10.97 -4.56
N LYS A 182 -11.86 -11.52 -4.95
CA LYS A 182 -11.95 -12.88 -5.47
C LYS A 182 -11.29 -13.00 -6.84
N GLU A 183 -11.36 -11.94 -7.64
CA GLU A 183 -10.72 -11.94 -8.96
C GLU A 183 -9.21 -11.67 -8.85
N ARG A 184 -8.70 -11.62 -7.61
CA ARG A 184 -7.30 -11.25 -7.31
C ARG A 184 -6.86 -9.94 -8.00
N VAL A 185 -7.71 -8.93 -7.93
CA VAL A 185 -7.41 -7.65 -8.55
C VAL A 185 -6.42 -6.85 -7.70
N GLU A 186 -5.36 -6.36 -8.33
CA GLU A 186 -4.42 -5.50 -7.64
C GLU A 186 -4.34 -4.19 -8.40
N ALA A 187 -3.89 -3.15 -7.69
CA ALA A 187 -3.53 -1.88 -8.33
C ALA A 187 -2.56 -2.19 -9.46
N GLY A 188 -2.82 -1.65 -10.64
CA GLY A 188 -2.00 -1.96 -11.81
C GLY A 188 -2.64 -2.86 -12.84
N ASP A 189 -3.70 -3.58 -12.41
CA ASP A 189 -4.46 -4.50 -13.26
C ASP A 189 -5.51 -3.77 -14.06
N VAL A 190 -5.80 -4.26 -15.27
CA VAL A 190 -6.95 -3.76 -16.01
C VAL A 190 -8.17 -4.63 -15.71
N ILE A 191 -9.27 -4.01 -15.29
CA ILE A 191 -10.46 -4.70 -14.94
C ILE A 191 -11.67 -4.05 -15.60
N TYR A 192 -12.79 -4.77 -15.62
CA TYR A 192 -14.08 -4.08 -15.75
C TYR A 192 -15.05 -4.53 -14.66
N ILE A 193 -16.01 -3.67 -14.38
CA ILE A 193 -17.03 -3.94 -13.37
C ILE A 193 -18.36 -3.77 -14.05
N GLU A 194 -19.16 -4.82 -14.12
CA GLU A 194 -20.46 -4.71 -14.79
C GLU A 194 -21.38 -3.86 -13.93
N ALA A 195 -21.92 -2.79 -14.49
CA ALA A 195 -22.75 -1.86 -13.76
C ALA A 195 -24.01 -2.48 -13.12
N ASN A 196 -24.61 -3.48 -13.77
CA ASN A 196 -25.89 -3.97 -13.29
C ASN A 196 -25.68 -5.12 -12.32
N SER A 197 -24.96 -6.16 -12.76
CA SER A 197 -24.73 -7.34 -11.92
C SER A 197 -23.73 -7.09 -10.82
N GLY A 198 -22.79 -6.17 -11.04
CA GLY A 198 -21.71 -5.94 -10.10
C GLY A 198 -20.54 -6.91 -10.22
N ALA A 199 -20.58 -7.75 -11.25
CA ALA A 199 -19.52 -8.72 -11.51
C ALA A 199 -18.20 -7.99 -11.85
N VAL A 200 -17.09 -8.51 -11.33
CA VAL A 200 -15.75 -7.92 -11.58
C VAL A 200 -14.99 -8.87 -12.50
N LYS A 201 -14.43 -8.36 -13.58
CA LYS A 201 -13.55 -9.13 -14.43
C LYS A 201 -12.12 -8.50 -14.49
N ARG A 202 -11.14 -9.32 -14.12
CA ARG A 202 -9.73 -8.99 -14.26
C ARG A 202 -9.21 -9.38 -15.63
N GLN A 203 -8.83 -8.39 -16.44
CA GLN A 203 -8.33 -8.63 -17.80
C GLN A 203 -6.87 -8.99 -17.83
N GLY A 204 -6.09 -8.46 -16.90
CA GLY A 204 -4.62 -8.63 -16.92
C GLY A 204 -3.93 -7.43 -16.28
N ARG A 205 -2.60 -7.38 -16.43
CA ARG A 205 -1.82 -6.23 -15.95
C ARG A 205 -1.80 -5.21 -17.06
N CYS A 206 -1.84 -3.94 -16.71
CA CYS A 206 -1.76 -2.91 -17.73
C CYS A 206 -0.37 -2.90 -18.45
N ASP A 207 -0.42 -2.88 -19.79
CA ASP A 207 0.67 -2.50 -20.74
C ASP A 207 1.72 -1.44 -20.31
N THR A 208 1.27 -0.44 -19.56
CA THR A 208 2.15 0.61 -19.07
C THR A 208 3.36 0.00 -18.33
N TYR A 209 3.13 -1.11 -17.61
CA TYR A 209 4.12 -1.69 -16.69
C TYR A 209 4.84 -2.91 -17.23
N ALA A 210 4.43 -3.37 -18.41
CA ALA A 210 5.09 -4.47 -19.10
C ALA A 210 6.53 -4.12 -19.52
N THR A 211 7.37 -5.14 -19.59
CA THR A 211 8.73 -5.03 -20.04
C THR A 211 8.86 -5.50 -21.49
N GLU A 212 10.10 -5.56 -21.98
CA GLU A 212 10.35 -6.05 -23.32
C GLU A 212 10.27 -7.57 -23.38
N PHE A 213 10.15 -8.24 -22.23
CA PHE A 213 9.93 -9.69 -22.22
C PHE A 213 8.43 -10.01 -22.42
N ASP A 214 7.58 -9.05 -22.10
CA ASP A 214 6.15 -9.27 -22.06
C ASP A 214 5.50 -8.91 -23.39
N LEU A 215 5.03 -9.95 -24.09
CA LEU A 215 4.27 -9.83 -25.34
C LEU A 215 2.97 -9.06 -25.24
N GLU A 216 2.45 -8.67 -26.39
CA GLU A 216 1.24 -7.86 -26.50
C GLU A 216 -0.06 -8.61 -26.09
N ALA A 217 -0.92 -7.90 -25.35
CA ALA A 217 -2.24 -8.38 -24.93
C ALA A 217 -2.28 -9.89 -24.57
N GLU A 218 -1.59 -10.25 -23.48
CA GLU A 218 -1.60 -11.64 -22.92
C GLU A 218 -1.87 -11.60 -21.40
N GLU A 219 -0.83 -11.81 -20.58
CA GLU A 219 -0.83 -11.40 -19.18
C GLU A 219 -1.00 -9.88 -19.05
N TYR A 220 -0.37 -9.15 -19.97
CA TYR A 220 -0.40 -7.70 -20.03
C TYR A 220 -1.36 -7.31 -21.14
N VAL A 221 -2.25 -6.36 -20.87
CA VAL A 221 -3.21 -5.87 -21.85
C VAL A 221 -3.16 -4.34 -21.93
N PRO A 222 -3.56 -3.77 -23.07
CA PRO A 222 -3.59 -2.34 -23.24
C PRO A 222 -4.41 -1.55 -22.22
N LEU A 223 -4.06 -0.29 -22.07
CA LEU A 223 -4.94 0.68 -21.45
C LEU A 223 -6.21 0.77 -22.32
N PRO A 224 -7.42 0.57 -21.72
CA PRO A 224 -8.63 0.69 -22.52
C PRO A 224 -8.85 2.09 -23.08
N LYS A 225 -9.41 2.16 -24.28
CA LYS A 225 -9.74 3.39 -24.95
C LYS A 225 -11.12 3.86 -24.50
N GLY A 226 -11.38 5.15 -24.67
CA GLY A 226 -12.71 5.69 -24.35
C GLY A 226 -12.86 5.99 -22.86
N ASP A 227 -14.12 6.10 -22.43
CA ASP A 227 -14.45 6.47 -21.05
C ASP A 227 -14.39 5.26 -20.09
N VAL A 228 -14.16 5.53 -18.83
CA VAL A 228 -14.33 4.53 -17.76
C VAL A 228 -15.72 3.90 -17.85
N HIS A 229 -16.75 4.73 -17.91
CA HIS A 229 -18.12 4.27 -18.01
C HIS A 229 -18.51 4.18 -19.49
N LYS A 230 -18.85 2.98 -19.94
CA LYS A 230 -19.15 2.76 -21.34
C LYS A 230 -19.94 1.47 -21.54
N LYS A 231 -20.37 1.27 -22.77
CA LYS A 231 -20.94 -0.01 -23.19
C LYS A 231 -19.82 -0.88 -23.76
N LYS A 232 -19.75 -2.13 -23.30
CA LYS A 232 -18.68 -3.01 -23.68
C LYS A 232 -19.26 -4.34 -24.14
N GLU A 233 -18.72 -4.82 -25.27
CA GLU A 233 -19.06 -6.10 -25.82
C GLU A 233 -18.29 -7.18 -25.11
N ILE A 234 -19.02 -7.98 -24.33
CA ILE A 234 -18.48 -9.07 -23.54
C ILE A 234 -18.94 -10.41 -24.15
N ILE A 235 -18.13 -11.45 -23.96
CA ILE A 235 -18.47 -12.77 -24.51
C ILE A 235 -18.47 -13.81 -23.40
N GLN A 236 -19.67 -14.28 -23.04
CA GLN A 236 -19.87 -15.31 -22.00
C GLN A 236 -19.90 -16.72 -22.60
N ASP A 237 -19.13 -17.63 -22.01
CA ASP A 237 -19.22 -19.04 -22.32
C ASP A 237 -20.09 -19.68 -21.25
N VAL A 238 -21.20 -20.27 -21.68
CA VAL A 238 -22.12 -20.95 -20.79
C VAL A 238 -22.39 -22.33 -21.40
N THR A 239 -22.99 -23.24 -20.65
CA THR A 239 -23.46 -24.50 -21.17
C THR A 239 -24.98 -24.41 -21.26
N LEU A 240 -25.62 -25.30 -22.00
CA LEU A 240 -27.09 -25.38 -22.01
C LEU A 240 -27.66 -25.78 -20.65
N HIS A 241 -26.88 -26.51 -19.85
CA HIS A 241 -27.28 -26.76 -18.48
C HIS A 241 -27.17 -25.51 -17.59
N ASP A 242 -26.12 -24.71 -17.78
CA ASP A 242 -25.97 -23.47 -17.00
C ASP A 242 -27.12 -22.49 -17.26
N LEU A 243 -27.86 -22.66 -18.35
CA LEU A 243 -28.98 -21.79 -18.68
C LEU A 243 -30.23 -22.31 -18.03
N ASP A 244 -30.39 -23.63 -17.99
CA ASP A 244 -31.48 -24.26 -17.25
C ASP A 244 -31.53 -23.68 -15.84
N VAL A 245 -30.46 -23.85 -15.07
CA VAL A 245 -30.43 -23.39 -13.68
C VAL A 245 -30.73 -21.88 -13.53
N ALA A 246 -30.21 -21.05 -14.44
CA ALA A 246 -30.48 -19.61 -14.41
C ALA A 246 -31.90 -19.19 -14.91
N ASN A 247 -32.72 -20.17 -15.32
CA ASN A 247 -34.03 -19.90 -15.88
C ASN A 247 -35.11 -20.84 -15.30
N GLY A 277 -36.49 -26.42 -23.22
CA GLY A 277 -37.70 -26.28 -24.04
C GLY A 277 -37.92 -24.85 -24.50
N GLU A 278 -38.31 -23.98 -23.58
CA GLU A 278 -38.37 -22.55 -23.85
C GLU A 278 -36.96 -22.05 -24.11
N ILE A 279 -35.97 -22.63 -23.43
CA ILE A 279 -34.56 -22.28 -23.59
C ILE A 279 -34.09 -22.51 -25.03
N ASN A 280 -34.27 -23.72 -25.52
CA ASN A 280 -33.86 -24.08 -26.88
C ASN A 280 -34.37 -23.10 -27.94
N LYS A 281 -35.60 -22.62 -27.74
CA LYS A 281 -36.21 -21.63 -28.62
C LYS A 281 -35.39 -20.36 -28.65
N VAL A 282 -35.12 -19.78 -27.47
CA VAL A 282 -34.31 -18.56 -27.37
C VAL A 282 -32.91 -18.78 -27.94
N VAL A 283 -32.31 -19.92 -27.62
CA VAL A 283 -30.95 -20.20 -28.07
C VAL A 283 -30.89 -20.19 -29.59
N ASN A 284 -31.89 -20.79 -30.23
CA ASN A 284 -31.94 -20.86 -31.69
C ASN A 284 -32.15 -19.47 -32.33
N LYS A 285 -33.01 -18.67 -31.71
CA LYS A 285 -33.14 -17.25 -32.05
C LYS A 285 -31.74 -16.60 -32.11
N TYR A 286 -30.99 -16.73 -31.03
CA TYR A 286 -29.68 -16.07 -30.91
C TYR A 286 -28.65 -16.52 -31.91
N ILE A 287 -28.64 -17.81 -32.25
CA ILE A 287 -27.69 -18.30 -33.24
C ILE A 287 -28.02 -17.68 -34.59
N ASP A 288 -29.30 -17.72 -34.96
CA ASP A 288 -29.81 -17.11 -36.21
C ASP A 288 -29.43 -15.64 -36.34
N GLN A 289 -29.43 -14.93 -35.21
CA GLN A 289 -29.02 -13.51 -35.16
C GLN A 289 -27.51 -13.32 -35.03
N GLY A 290 -26.74 -14.41 -35.12
CA GLY A 290 -25.32 -14.36 -34.81
C GLY A 290 -24.97 -13.69 -33.47
N ILE A 291 -25.93 -13.66 -32.54
CA ILE A 291 -25.67 -13.24 -31.16
C ILE A 291 -25.00 -14.36 -30.34
N ALA A 292 -25.39 -15.62 -30.62
CA ALA A 292 -24.86 -16.78 -29.90
C ALA A 292 -24.32 -17.81 -30.85
N GLU A 293 -23.33 -18.56 -30.39
CA GLU A 293 -22.64 -19.55 -31.19
C GLU A 293 -22.52 -20.85 -30.38
N LEU A 294 -22.97 -21.96 -30.97
CA LEU A 294 -22.88 -23.27 -30.32
C LEU A 294 -21.47 -23.81 -30.33
N VAL A 295 -21.13 -24.53 -29.26
CA VAL A 295 -19.87 -25.23 -29.17
C VAL A 295 -20.10 -26.57 -28.48
N PRO A 296 -20.38 -27.62 -29.28
CA PRO A 296 -20.50 -28.96 -28.75
C PRO A 296 -19.21 -29.36 -28.09
N GLY A 297 -19.30 -30.04 -26.95
CA GLY A 297 -18.14 -30.37 -26.20
C GLY A 297 -17.98 -31.86 -26.24
N VAL A 298 -17.46 -32.38 -25.13
CA VAL A 298 -17.19 -33.81 -24.95
C VAL A 298 -17.97 -34.36 -23.75
N LEU A 299 -18.73 -35.41 -23.98
CA LEU A 299 -19.39 -36.16 -22.90
C LEU A 299 -18.61 -37.45 -22.69
N PHE A 300 -18.02 -37.57 -21.51
CA PHE A 300 -17.22 -38.73 -21.18
C PHE A 300 -18.03 -39.65 -20.27
N VAL A 301 -18.20 -40.90 -20.69
CA VAL A 301 -19.02 -41.83 -19.96
C VAL A 301 -18.16 -43.01 -19.57
N ASP A 302 -17.62 -42.94 -18.38
CA ASP A 302 -16.86 -44.02 -17.80
C ASP A 302 -17.83 -45.07 -17.32
N GLU A 303 -17.36 -46.28 -17.15
CA GLU A 303 -18.22 -47.38 -16.59
C GLU A 303 -19.38 -47.65 -17.56
N VAL A 304 -19.03 -47.71 -18.83
CA VAL A 304 -20.03 -47.80 -19.88
C VAL A 304 -20.93 -49.03 -19.66
N HIS A 305 -20.37 -50.11 -19.11
CA HIS A 305 -21.11 -51.35 -18.89
C HIS A 305 -22.21 -51.26 -17.84
N MET A 306 -22.25 -50.19 -17.06
CA MET A 306 -23.34 -49.95 -16.16
C MET A 306 -24.56 -49.40 -16.88
N LEU A 307 -24.39 -48.94 -18.09
CA LEU A 307 -25.56 -48.57 -18.90
C LEU A 307 -26.37 -49.78 -19.35
N ASP A 308 -27.68 -49.60 -19.38
CA ASP A 308 -28.58 -50.65 -19.86
C ASP A 308 -29.09 -50.31 -21.24
N ILE A 309 -29.91 -51.19 -21.76
CA ILE A 309 -30.40 -51.11 -23.11
C ILE A 309 -31.21 -49.84 -23.42
N GLU A 310 -32.07 -49.44 -22.51
CA GLU A 310 -32.79 -48.19 -22.65
C GLU A 310 -31.87 -47.00 -22.69
N CYS A 311 -30.73 -47.04 -21.98
CA CYS A 311 -29.74 -45.96 -21.99
C CYS A 311 -29.03 -45.86 -23.32
N PHE A 312 -28.63 -47.00 -23.86
CA PHE A 312 -28.00 -47.08 -25.18
C PHE A 312 -28.93 -46.71 -26.35
N THR A 313 -30.19 -47.06 -26.28
CA THR A 313 -31.19 -46.59 -27.22
C THR A 313 -31.33 -45.06 -27.18
N TYR A 314 -31.31 -44.48 -25.98
CA TYR A 314 -31.43 -43.03 -25.85
C TYR A 314 -30.16 -42.35 -26.37
N LEU A 315 -29.01 -42.87 -25.99
CA LEU A 315 -27.72 -42.33 -26.42
C LEU A 315 -27.43 -42.39 -27.90
N HIS A 316 -27.73 -43.51 -28.53
CA HIS A 316 -27.54 -43.69 -29.96
C HIS A 316 -28.27 -42.56 -30.73
N ARG A 317 -29.52 -42.36 -30.35
CA ARG A 317 -30.39 -41.35 -30.94
C ARG A 317 -29.87 -39.94 -30.69
N ALA A 318 -29.52 -39.65 -29.44
CA ALA A 318 -29.13 -38.29 -29.03
C ALA A 318 -27.85 -37.81 -29.72
N LEU A 319 -26.92 -38.72 -29.97
CA LEU A 319 -25.59 -38.36 -30.41
C LEU A 319 -25.58 -38.03 -31.90
N GLU A 320 -26.72 -38.27 -32.56
CA GLU A 320 -26.97 -37.86 -33.95
C GLU A 320 -27.46 -36.42 -34.07
N SER A 321 -27.89 -35.81 -32.97
CA SER A 321 -28.31 -34.41 -33.01
C SER A 321 -27.14 -33.62 -33.58
N SER A 322 -27.45 -32.58 -34.36
CA SER A 322 -26.40 -31.77 -35.03
C SER A 322 -25.60 -30.99 -33.99
N ILE A 323 -26.32 -30.50 -32.97
CA ILE A 323 -25.68 -29.81 -31.84
C ILE A 323 -25.04 -30.73 -30.78
N ALA A 324 -24.95 -32.04 -31.04
CA ALA A 324 -24.54 -32.99 -29.99
C ALA A 324 -23.05 -32.90 -29.61
N PRO A 325 -22.70 -33.18 -28.32
CA PRO A 325 -21.29 -33.31 -27.97
C PRO A 325 -20.75 -34.60 -28.60
N ILE A 326 -19.43 -34.73 -28.68
CA ILE A 326 -18.85 -36.04 -28.96
C ILE A 326 -18.99 -36.86 -27.69
N VAL A 327 -19.41 -38.12 -27.84
CA VAL A 327 -19.50 -39.08 -26.77
C VAL A 327 -18.28 -39.96 -26.78
N ILE A 328 -17.63 -40.01 -25.62
CA ILE A 328 -16.46 -40.83 -25.40
C ILE A 328 -16.78 -41.74 -24.24
N PHE A 329 -16.74 -43.03 -24.49
CA PHE A 329 -17.00 -44.03 -23.49
C PHE A 329 -15.70 -44.52 -22.96
N ALA A 330 -15.73 -45.12 -21.79
CA ALA A 330 -14.55 -45.81 -21.27
C ALA A 330 -14.93 -47.13 -20.64
N SER A 331 -14.04 -48.12 -20.75
CA SER A 331 -14.25 -49.47 -20.27
C SER A 331 -12.97 -50.03 -19.77
N ASN A 332 -13.00 -50.75 -18.67
CA ASN A 332 -11.87 -51.54 -18.24
C ASN A 332 -12.17 -53.02 -18.29
N ARG A 333 -13.25 -53.39 -18.95
CA ARG A 333 -13.73 -54.76 -18.99
C ARG A 333 -13.68 -55.34 -20.38
N GLY A 334 -13.76 -56.66 -20.49
CA GLY A 334 -13.84 -57.36 -21.76
C GLY A 334 -15.30 -57.59 -22.10
N ASN A 335 -15.66 -58.85 -22.40
CA ASN A 335 -17.04 -59.19 -22.77
C ASN A 335 -17.93 -59.19 -21.57
N CYS A 336 -19.10 -58.56 -21.68
CA CYS A 336 -20.07 -58.45 -20.60
C CYS A 336 -21.47 -58.70 -21.10
N VAL A 337 -22.32 -59.29 -20.27
CA VAL A 337 -23.77 -59.33 -20.55
C VAL A 337 -24.21 -57.88 -20.63
N ILE A 338 -24.85 -57.52 -21.75
CA ILE A 338 -25.46 -56.23 -21.93
C ILE A 338 -26.55 -56.15 -20.89
N ARG A 339 -26.45 -55.10 -20.11
CA ARG A 339 -27.32 -54.94 -18.98
C ARG A 339 -28.72 -54.59 -19.49
N GLY A 340 -29.69 -55.27 -18.92
CA GLY A 340 -31.07 -55.19 -19.36
C GLY A 340 -31.48 -56.37 -20.26
N THR A 341 -30.52 -57.16 -20.73
CA THR A 341 -30.83 -58.29 -21.64
C THR A 341 -30.79 -59.63 -20.96
N GLU A 342 -30.02 -59.73 -19.89
CA GLU A 342 -29.88 -61.01 -19.18
C GLU A 342 -29.04 -62.09 -19.85
N ASP A 343 -28.93 -62.08 -21.17
CA ASP A 343 -28.11 -63.10 -21.83
C ASP A 343 -27.27 -62.67 -23.01
N ILE A 344 -27.42 -61.45 -23.53
CA ILE A 344 -26.61 -61.06 -24.70
C ILE A 344 -25.25 -60.50 -24.25
N THR A 345 -24.21 -61.25 -24.59
CA THR A 345 -22.84 -60.91 -24.26
C THR A 345 -22.22 -60.05 -25.39
N SER A 346 -21.45 -59.05 -25.01
CA SER A 346 -20.91 -58.16 -26.03
C SER A 346 -19.68 -57.46 -25.52
N PRO A 347 -18.70 -57.20 -26.42
CA PRO A 347 -17.55 -56.40 -26.01
C PRO A 347 -17.92 -55.20 -25.14
N HIS A 348 -17.38 -55.12 -23.91
CA HIS A 348 -17.54 -53.94 -23.06
C HIS A 348 -18.97 -53.68 -22.63
N GLY A 349 -19.88 -54.58 -22.96
CA GLY A 349 -21.24 -54.47 -22.56
C GLY A 349 -22.02 -53.52 -23.42
N ILE A 350 -21.52 -53.29 -24.64
CA ILE A 350 -22.13 -52.34 -25.53
C ILE A 350 -22.77 -53.13 -26.67
N PRO A 351 -24.01 -52.79 -27.04
CA PRO A 351 -24.60 -53.47 -28.18
C PRO A 351 -23.84 -53.24 -29.50
N LEU A 352 -23.84 -54.26 -30.33
CA LEU A 352 -23.18 -54.29 -31.65
C LEU A 352 -23.53 -53.07 -32.49
N ASP A 353 -24.79 -52.72 -32.60
CA ASP A 353 -25.10 -51.65 -33.50
C ASP A 353 -24.44 -50.37 -33.02
N LEU A 354 -24.24 -50.22 -31.71
CA LEU A 354 -23.46 -49.09 -31.22
C LEU A 354 -21.95 -49.29 -31.48
N LEU A 355 -21.42 -50.43 -31.08
CA LEU A 355 -20.01 -50.74 -31.26
C LEU A 355 -19.56 -50.51 -32.71
N ASP A 356 -20.48 -50.74 -33.64
CA ASP A 356 -20.26 -50.49 -35.04
C ASP A 356 -19.91 -49.05 -35.39
N ARG A 357 -20.31 -48.13 -34.55
CA ARG A 357 -20.12 -46.72 -34.78
C ARG A 357 -19.05 -46.12 -33.85
N VAL A 358 -18.39 -46.97 -33.09
CA VAL A 358 -17.48 -46.56 -32.06
C VAL A 358 -16.08 -46.81 -32.57
N MET A 359 -15.24 -45.78 -32.47
CA MET A 359 -13.80 -45.86 -32.72
C MET A 359 -13.13 -46.17 -31.38
N ILE A 360 -12.41 -47.28 -31.34
CA ILE A 360 -11.83 -47.84 -30.11
C ILE A 360 -10.30 -47.66 -30.04
N ILE A 361 -9.89 -47.02 -28.96
CA ILE A 361 -8.51 -46.74 -28.68
C ILE A 361 -8.14 -47.46 -27.41
N ARG A 362 -7.04 -48.16 -27.43
CA ARG A 362 -6.54 -48.89 -26.32
C ARG A 362 -5.57 -48.04 -25.48
N THR A 363 -5.66 -48.17 -24.16
CA THR A 363 -4.74 -47.57 -23.23
C THR A 363 -4.05 -48.72 -22.52
N MET A 364 -2.75 -48.61 -22.33
CA MET A 364 -1.97 -49.66 -21.72
C MET A 364 -1.47 -49.31 -20.33
N LEU A 365 -1.13 -50.33 -19.55
CA LEU A 365 -0.56 -50.11 -18.21
C LEU A 365 0.75 -49.31 -18.34
N TYR A 366 1.00 -48.38 -17.44
CA TYR A 366 2.30 -47.74 -17.33
C TYR A 366 3.30 -48.64 -16.58
N THR A 367 4.54 -48.61 -16.99
CA THR A 367 5.61 -49.17 -16.16
C THR A 367 5.77 -48.31 -14.87
N PRO A 368 6.47 -48.82 -13.83
CA PRO A 368 6.72 -47.97 -12.63
C PRO A 368 7.49 -46.69 -13.01
N GLN A 369 8.38 -46.79 -13.98
CA GLN A 369 9.11 -45.62 -14.50
C GLN A 369 8.22 -44.53 -15.12
N GLU A 370 7.26 -44.93 -15.96
CA GLU A 370 6.28 -43.97 -16.49
C GLU A 370 5.39 -43.42 -15.40
N MET A 371 4.98 -44.30 -14.51
CA MET A 371 4.11 -43.86 -13.43
C MET A 371 4.80 -42.80 -12.59
N LYS A 372 6.06 -43.00 -12.29
CA LYS A 372 6.83 -42.00 -11.56
C LYS A 372 6.86 -40.61 -12.23
N GLN A 373 7.06 -40.57 -13.54
CA GLN A 373 6.95 -39.32 -14.29
C GLN A 373 5.62 -38.65 -14.10
N ILE A 374 4.54 -39.42 -14.11
CA ILE A 374 3.19 -38.86 -13.91
C ILE A 374 2.92 -38.44 -12.44
N ILE A 375 3.38 -39.26 -11.48
CA ILE A 375 3.24 -38.90 -10.06
C ILE A 375 3.98 -37.58 -9.82
N LYS A 376 5.14 -37.42 -10.47
CA LYS A 376 5.92 -36.17 -10.40
C LYS A 376 5.19 -34.92 -10.93
N ILE A 377 4.55 -35.02 -12.08
CA ILE A 377 3.75 -33.93 -12.62
C ILE A 377 2.66 -33.54 -11.63
N ARG A 378 2.02 -34.53 -11.01
CA ARG A 378 0.95 -34.26 -10.06
C ARG A 378 1.52 -33.53 -8.83
N ALA A 379 2.65 -33.99 -8.30
CA ALA A 379 3.26 -33.34 -7.11
C ALA A 379 3.64 -31.91 -7.43
N GLN A 380 4.31 -31.74 -8.58
CA GLN A 380 4.71 -30.42 -9.06
C GLN A 380 3.51 -29.53 -9.14
N THR A 381 2.45 -30.01 -9.81
CA THR A 381 1.25 -29.20 -10.08
C THR A 381 0.56 -28.83 -8.78
N GLU A 382 0.62 -29.74 -7.81
CA GLU A 382 0.06 -29.55 -6.45
C GLU A 382 0.86 -28.60 -5.55
N GLY A 383 2.11 -28.33 -5.91
CA GLY A 383 3.04 -27.60 -5.04
C GLY A 383 3.59 -28.48 -3.93
N ILE A 384 3.81 -29.76 -4.20
CA ILE A 384 4.18 -30.70 -3.16
C ILE A 384 5.60 -31.08 -3.44
N ASN A 385 6.49 -30.84 -2.48
CA ASN A 385 7.90 -31.14 -2.64
C ASN A 385 8.11 -32.59 -2.26
N ILE A 386 8.92 -33.29 -3.04
CA ILE A 386 9.09 -34.72 -2.90
C ILE A 386 10.42 -35.11 -3.51
N SER A 387 11.18 -35.94 -2.78
CA SER A 387 12.42 -36.46 -3.26
C SER A 387 12.22 -37.46 -4.39
N GLU A 388 13.27 -37.61 -5.18
CA GLU A 388 13.32 -38.56 -6.25
C GLU A 388 13.14 -40.00 -5.71
N GLU A 389 13.81 -40.34 -4.61
CA GLU A 389 13.64 -41.70 -4.06
C GLU A 389 12.19 -42.00 -3.65
N ALA A 390 11.49 -41.00 -3.08
CA ALA A 390 10.11 -41.10 -2.66
C ALA A 390 9.20 -41.36 -3.87
N LEU A 391 9.43 -40.60 -4.95
CA LEU A 391 8.75 -40.77 -6.25
C LEU A 391 8.97 -42.12 -6.88
N ASN A 392 10.20 -42.61 -6.81
CA ASN A 392 10.52 -43.92 -7.33
C ASN A 392 9.73 -44.99 -6.52
N HIS A 393 9.68 -44.87 -5.20
CA HIS A 393 8.86 -45.76 -4.37
C HIS A 393 7.37 -45.72 -4.72
N LEU A 394 6.83 -44.52 -4.95
CA LEU A 394 5.46 -44.38 -5.36
C LEU A 394 5.24 -45.03 -6.74
N GLY A 395 6.16 -44.90 -7.67
CA GLY A 395 6.07 -45.66 -8.92
C GLY A 395 5.89 -47.13 -8.71
N GLU A 396 6.74 -47.70 -7.88
CA GLU A 396 6.69 -49.10 -7.51
C GLU A 396 5.41 -49.51 -6.82
N ILE A 397 4.89 -48.66 -5.95
CA ILE A 397 3.63 -48.94 -5.30
C ILE A 397 2.52 -48.92 -6.36
N GLY A 398 2.57 -47.97 -7.29
CA GLY A 398 1.61 -47.90 -8.35
C GLY A 398 1.53 -49.12 -9.24
N THR A 399 2.64 -49.77 -9.46
CA THR A 399 2.66 -50.95 -10.32
C THR A 399 2.00 -52.18 -9.61
N LYS A 400 2.12 -52.20 -8.27
CA LYS A 400 1.53 -53.24 -7.47
C LYS A 400 0.06 -52.97 -7.22
N THR A 401 -0.40 -51.75 -7.42
CA THR A 401 -1.77 -51.36 -7.18
C THR A 401 -2.31 -50.73 -8.45
N THR A 402 -2.45 -49.40 -8.49
CA THR A 402 -2.77 -48.64 -9.73
C THR A 402 -2.15 -47.27 -9.62
N LEU A 403 -2.19 -46.56 -10.74
CA LEU A 403 -1.64 -45.22 -10.78
C LEU A 403 -2.41 -44.27 -9.87
N ARG A 404 -3.74 -44.43 -9.83
CA ARG A 404 -4.63 -43.56 -9.07
C ARG A 404 -4.37 -43.76 -7.56
N TYR A 405 -4.11 -44.99 -7.14
CA TYR A 405 -3.76 -45.23 -5.75
C TYR A 405 -2.46 -44.50 -5.32
N SER A 406 -1.39 -44.67 -6.09
CA SER A 406 -0.16 -43.91 -5.86
C SER A 406 -0.35 -42.40 -5.83
N VAL A 407 -1.11 -41.88 -6.76
CA VAL A 407 -1.35 -40.46 -6.82
C VAL A 407 -2.06 -39.95 -5.60
N GLN A 408 -3.02 -40.73 -5.08
CA GLN A 408 -3.79 -40.33 -3.93
C GLN A 408 -2.98 -40.38 -2.64
N LEU A 409 -1.85 -41.09 -2.61
CA LEU A 409 -0.97 -41.08 -1.43
C LEU A 409 -0.15 -39.80 -1.21
N LEU A 410 0.01 -38.96 -2.23
CA LEU A 410 0.74 -37.69 -2.10
C LEU A 410 0.29 -36.75 -1.01
N THR A 411 -1.01 -36.47 -0.97
CA THR A 411 -1.52 -35.55 0.04
C THR A 411 -1.36 -36.08 1.49
N PRO A 412 -1.75 -37.33 1.76
CA PRO A 412 -1.45 -37.94 3.09
C PRO A 412 0.06 -37.99 3.45
N ALA A 413 0.89 -38.40 2.49
CA ALA A 413 2.37 -38.38 2.69
C ALA A 413 2.89 -36.97 3.00
N ASN A 414 2.34 -35.98 2.32
CA ASN A 414 2.75 -34.60 2.53
C ASN A 414 2.39 -34.09 3.94
N LEU A 415 1.18 -34.38 4.38
CA LEU A 415 0.77 -33.98 5.70
C LEU A 415 1.60 -34.69 6.78
N LEU A 416 1.83 -35.97 6.58
CA LEU A 416 2.73 -36.77 7.42
C LEU A 416 4.17 -36.25 7.46
N ALA A 417 4.60 -35.61 6.37
CA ALA A 417 5.89 -34.92 6.31
C ALA A 417 5.86 -33.65 7.14
N LYS A 418 4.85 -32.82 6.93
CA LYS A 418 4.67 -31.58 7.69
C LYS A 418 4.70 -31.83 9.19
N ILE A 419 4.01 -32.89 9.61
CA ILE A 419 3.92 -33.30 11.02
C ILE A 419 5.27 -33.63 11.68
N ASN A 420 6.22 -34.14 10.91
CA ASN A 420 7.59 -34.38 11.37
C ASN A 420 8.49 -33.19 11.02
N GLY A 421 7.92 -31.99 10.93
CA GLY A 421 8.68 -30.78 10.62
C GLY A 421 9.40 -30.73 9.28
N LYS A 422 9.07 -31.67 8.37
CA LYS A 422 9.73 -31.70 7.07
C LYS A 422 8.84 -31.05 6.02
N ASP A 423 9.44 -30.22 5.15
CA ASP A 423 8.70 -29.50 4.12
C ASP A 423 8.74 -30.22 2.76
N SER A 424 9.35 -31.41 2.75
CA SER A 424 9.44 -32.26 1.59
C SER A 424 9.11 -33.71 1.95
N ILE A 425 8.40 -34.43 1.07
CA ILE A 425 8.20 -35.87 1.24
C ILE A 425 9.51 -36.61 0.97
N GLU A 426 9.89 -37.50 1.89
CA GLU A 426 11.09 -38.35 1.80
C GLU A 426 10.59 -39.80 1.72
N LYS A 427 11.46 -40.75 1.35
CA LYS A 427 11.05 -42.13 1.17
C LYS A 427 10.40 -42.70 2.42
N GLU A 428 10.88 -42.28 3.59
CA GLU A 428 10.40 -42.79 4.87
C GLU A 428 8.91 -42.48 5.05
N HIS A 429 8.44 -41.33 4.56
CA HIS A 429 7.05 -40.96 4.65
C HIS A 429 6.17 -41.75 3.69
N VAL A 430 6.65 -42.06 2.49
CA VAL A 430 5.93 -42.91 1.59
C VAL A 430 5.79 -44.31 2.20
N GLU A 431 6.89 -44.85 2.71
CA GLU A 431 6.87 -46.11 3.41
C GLU A 431 5.82 -46.17 4.52
N GLU A 432 5.75 -45.16 5.39
CA GLU A 432 4.81 -45.18 6.51
C GLU A 432 3.38 -45.16 5.98
N ILE A 433 3.13 -44.24 5.06
CA ILE A 433 1.83 -44.02 4.51
C ILE A 433 1.28 -45.31 3.85
N SER A 434 2.15 -46.01 3.15
CA SER A 434 1.72 -47.22 2.47
C SER A 434 1.55 -48.40 3.42
N GLU A 435 2.18 -48.35 4.59
CA GLU A 435 1.87 -49.35 5.62
C GLU A 435 0.61 -48.98 6.39
N LEU A 436 0.24 -47.73 6.43
CA LEU A 436 -0.91 -47.28 7.19
C LEU A 436 -2.22 -47.47 6.44
N PHE A 437 -2.15 -47.33 5.13
CA PHE A 437 -3.32 -47.39 4.25
C PHE A 437 -3.18 -48.53 3.26
N TYR A 438 -4.33 -49.04 2.78
CA TYR A 438 -4.37 -50.22 1.89
C TYR A 438 -5.06 -49.87 0.60
N ASP A 439 -4.66 -50.51 -0.49
CA ASP A 439 -5.43 -50.49 -1.76
C ASP A 439 -6.57 -51.49 -1.67
N ALA A 440 -7.63 -51.24 -2.43
CA ALA A 440 -8.84 -52.09 -2.38
C ALA A 440 -8.62 -53.57 -2.69
N LYS A 441 -7.82 -53.87 -3.71
CA LYS A 441 -7.47 -55.27 -3.99
C LYS A 441 -6.80 -55.97 -2.81
N SER A 442 -5.76 -55.35 -2.25
CA SER A 442 -5.13 -55.90 -1.03
C SER A 442 -6.12 -56.03 0.09
N SER A 443 -6.93 -55.00 0.38
CA SER A 443 -7.87 -55.20 1.49
C SER A 443 -8.91 -56.30 1.24
N ALA A 444 -9.43 -56.42 0.02
CA ALA A 444 -10.53 -57.40 -0.26
C ALA A 444 -9.93 -58.79 -0.13
N LYS A 445 -8.68 -58.93 -0.59
CA LYS A 445 -7.93 -60.20 -0.50
C LYS A 445 -7.67 -60.68 0.93
N ILE A 446 -7.24 -59.77 1.79
CA ILE A 446 -6.98 -60.13 3.17
C ILE A 446 -8.25 -60.67 3.79
N LEU A 447 -9.37 -59.99 3.53
CA LEU A 447 -10.64 -60.34 4.15
C LEU A 447 -11.28 -61.53 3.48
N ALA A 448 -11.04 -61.73 2.19
CA ALA A 448 -11.39 -63.00 1.54
C ALA A 448 -10.71 -64.13 2.32
N ASP A 449 -9.39 -64.07 2.39
CA ASP A 449 -8.60 -65.01 3.18
C ASP A 449 -8.68 -64.64 4.66
N THR B 9 -0.54 30.50 -6.72
CA THR B 9 0.93 30.81 -6.57
C THR B 9 1.81 29.56 -6.60
N THR B 10 1.37 28.52 -7.29
CA THR B 10 1.97 27.17 -7.18
C THR B 10 3.04 26.92 -8.25
N LYS B 11 4.18 26.40 -7.81
CA LYS B 11 5.30 26.14 -8.71
C LYS B 11 5.11 24.78 -9.39
N THR B 12 4.19 24.80 -10.35
CA THR B 12 3.84 23.65 -11.19
C THR B 12 5.03 22.93 -11.86
N GLN B 13 6.03 23.69 -12.31
CA GLN B 13 7.16 23.13 -13.05
C GLN B 13 8.04 22.22 -12.19
N ARG B 14 8.04 22.46 -10.88
CA ARG B 14 8.80 21.63 -9.92
C ARG B 14 8.24 20.23 -9.77
N ILE B 15 7.03 20.00 -10.26
CA ILE B 15 6.44 18.69 -10.14
C ILE B 15 6.07 18.08 -11.49
N ALA B 16 6.45 18.72 -12.60
CA ALA B 16 6.12 18.23 -13.94
C ALA B 16 6.72 16.86 -14.19
N SER B 17 7.93 16.61 -13.69
CA SER B 17 8.58 15.32 -13.82
C SER B 17 7.94 14.19 -13.01
N HIS B 18 6.90 14.52 -12.22
CA HIS B 18 6.17 13.51 -11.41
C HIS B 18 4.69 13.42 -11.71
N SER B 19 4.31 13.81 -12.93
CA SER B 19 2.91 13.86 -13.35
C SER B 19 2.23 12.49 -13.49
N HIS B 20 3.02 11.43 -13.57
CA HIS B 20 2.52 10.04 -13.55
C HIS B 20 2.34 9.46 -12.13
N VAL B 21 2.89 10.09 -11.08
CA VAL B 21 2.76 9.56 -9.72
C VAL B 21 1.35 9.87 -9.22
N LYS B 22 0.56 8.83 -9.03
CA LYS B 22 -0.83 9.02 -8.67
C LYS B 22 -1.07 8.55 -7.23
N GLY B 23 -0.12 7.82 -6.65
CA GLY B 23 -0.28 7.31 -5.29
C GLY B 23 0.85 6.36 -5.02
N LEU B 24 0.74 5.59 -3.95
CA LEU B 24 1.83 4.75 -3.53
C LEU B 24 1.80 3.36 -4.14
N GLY B 25 0.69 3.03 -4.80
CA GLY B 25 0.47 1.74 -5.42
C GLY B 25 0.41 0.57 -4.47
N LEU B 26 -0.19 0.80 -3.29
CA LEU B 26 -0.32 -0.21 -2.26
C LEU B 26 -1.70 -0.86 -2.29
N ASP B 27 -1.72 -2.15 -2.06
CA ASP B 27 -2.97 -2.88 -2.01
C ASP B 27 -3.78 -2.41 -0.77
N GLU B 28 -4.96 -2.99 -0.63
CA GLU B 28 -5.86 -2.70 0.50
C GLU B 28 -5.21 -2.89 1.87
N SER B 29 -4.09 -3.64 1.94
CA SER B 29 -3.39 -3.95 3.22
C SER B 29 -2.00 -3.34 3.34
N GLY B 30 -1.71 -2.31 2.56
CA GLY B 30 -0.44 -1.61 2.68
C GLY B 30 0.77 -2.21 1.96
N LEU B 31 0.62 -3.36 1.30
CA LEU B 31 1.78 -3.95 0.62
C LEU B 31 1.90 -3.47 -0.83
N ALA B 32 3.16 -3.43 -1.31
CA ALA B 32 3.47 -2.95 -2.65
C ALA B 32 3.52 -4.16 -3.55
N LYS B 33 2.39 -4.49 -4.17
CA LYS B 33 2.25 -5.79 -4.83
C LYS B 33 2.93 -5.86 -6.21
N GLN B 34 3.13 -4.74 -6.88
CA GLN B 34 3.80 -4.78 -8.17
C GLN B 34 4.44 -3.45 -8.58
N ALA B 35 3.76 -2.81 -9.53
CA ALA B 35 4.07 -1.48 -10.01
C ALA B 35 2.68 -0.96 -10.28
N ALA B 36 2.37 0.20 -9.74
CA ALA B 36 0.99 0.67 -9.75
C ALA B 36 1.00 2.13 -9.43
N SER B 37 0.00 2.84 -9.95
CA SER B 37 -0.16 4.27 -9.70
C SER B 37 1.04 5.09 -10.17
N GLY B 38 1.75 4.60 -11.18
CA GLY B 38 2.90 5.27 -11.75
C GLY B 38 4.22 4.91 -11.10
N LEU B 39 4.20 4.21 -9.97
CA LEU B 39 5.42 3.75 -9.31
C LEU B 39 5.91 2.34 -9.64
N VAL B 40 7.24 2.23 -9.80
CA VAL B 40 7.92 0.98 -10.15
C VAL B 40 8.91 0.69 -9.05
N GLY B 41 8.94 -0.54 -8.57
CA GLY B 41 9.94 -0.97 -7.59
C GLY B 41 9.87 -0.17 -6.30
N GLN B 42 11.01 0.06 -5.65
CA GLN B 42 11.08 0.85 -4.43
C GLN B 42 10.05 0.35 -3.39
N GLU B 43 9.92 -0.97 -3.26
CA GLU B 43 8.79 -1.54 -2.55
C GLU B 43 8.81 -1.29 -1.05
N ASN B 44 9.96 -1.52 -0.45
CA ASN B 44 10.12 -1.30 0.97
C ASN B 44 9.78 0.14 1.33
N ALA B 45 10.33 1.09 0.59
CA ALA B 45 10.06 2.49 0.84
C ALA B 45 8.62 2.90 0.56
N ARG B 46 8.00 2.31 -0.47
CA ARG B 46 6.58 2.55 -0.74
C ARG B 46 5.73 2.05 0.43
N GLU B 47 6.04 0.85 0.94
CA GLU B 47 5.39 0.30 2.11
C GLU B 47 5.61 1.15 3.37
N ALA B 48 6.83 1.63 3.58
CA ALA B 48 7.11 2.48 4.73
C ALA B 48 6.33 3.78 4.64
N CYS B 49 6.25 4.37 3.46
CA CYS B 49 5.41 5.56 3.26
C CYS B 49 3.92 5.28 3.53
N GLY B 50 3.51 4.06 3.20
CA GLY B 50 2.14 3.63 3.46
C GLY B 50 1.80 3.73 4.93
N VAL B 51 2.73 3.28 5.77
CA VAL B 51 2.61 3.42 7.22
C VAL B 51 2.53 4.90 7.60
N ILE B 52 3.37 5.73 7.02
CA ILE B 52 3.30 7.17 7.26
C ILE B 52 1.94 7.69 6.88
N VAL B 53 1.38 7.25 5.74
CA VAL B 53 0.03 7.68 5.32
C VAL B 53 -1.03 7.32 6.37
N GLU B 54 -0.93 6.10 6.89
CA GLU B 54 -1.91 5.65 7.88
C GLU B 54 -1.77 6.38 9.22
N LEU B 55 -0.53 6.66 9.65
CA LEU B 55 -0.29 7.48 10.86
C LEU B 55 -0.84 8.91 10.71
N ILE B 56 -0.74 9.50 9.52
CA ILE B 56 -1.29 10.84 9.28
C ILE B 56 -2.80 10.86 9.33
N LYS B 57 -3.41 9.89 8.67
CA LYS B 57 -4.87 9.75 8.65
C LYS B 57 -5.43 9.48 10.03
N SER B 58 -4.64 8.81 10.85
CA SER B 58 -5.04 8.43 12.21
C SER B 58 -4.66 9.49 13.23
N LYS B 59 -4.08 10.61 12.76
CA LYS B 59 -3.58 11.69 13.63
C LYS B 59 -2.65 11.16 14.72
N LYS B 60 -1.63 10.45 14.26
CA LYS B 60 -0.61 9.82 15.13
C LYS B 60 0.81 10.29 14.77
N MET B 61 0.93 11.35 13.97
CA MET B 61 2.22 11.95 13.57
C MET B 61 2.58 13.18 14.40
N ALA B 62 1.72 13.54 15.36
CA ALA B 62 2.00 14.66 16.26
C ALA B 62 3.39 14.49 16.80
N GLY B 63 4.22 15.51 16.64
CA GLY B 63 5.60 15.48 17.12
C GLY B 63 6.61 14.79 16.21
N ARG B 64 6.18 14.29 15.05
CA ARG B 64 7.05 13.52 14.18
C ARG B 64 7.17 14.11 12.78
N ALA B 65 8.28 13.79 12.14
CA ALA B 65 8.50 14.10 10.72
C ALA B 65 9.08 12.88 9.97
N VAL B 66 9.29 13.03 8.67
CA VAL B 66 9.81 11.94 7.85
C VAL B 66 11.10 12.39 7.18
N LEU B 67 12.03 11.46 7.01
CA LEU B 67 13.19 11.68 6.21
C LEU B 67 13.33 10.54 5.21
N LEU B 68 13.46 10.89 3.94
CA LEU B 68 13.79 9.94 2.90
C LEU B 68 15.26 10.14 2.62
N ALA B 69 15.99 9.03 2.72
CA ALA B 69 17.42 9.04 2.60
C ALA B 69 17.85 8.06 1.53
N GLY B 70 18.56 8.56 0.53
CA GLY B 70 19.03 7.73 -0.55
C GLY B 70 19.67 8.55 -1.65
N PRO B 71 20.32 7.86 -2.59
CA PRO B 71 21.00 8.52 -3.69
C PRO B 71 20.11 9.42 -4.55
N PRO B 72 20.74 10.30 -5.34
CA PRO B 72 20.05 11.10 -6.34
C PRO B 72 19.27 10.25 -7.31
N GLY B 73 18.07 10.67 -7.68
CA GLY B 73 17.29 9.93 -8.65
C GLY B 73 16.71 8.59 -8.18
N THR B 74 16.27 8.54 -6.93
CA THR B 74 15.75 7.31 -6.36
C THR B 74 14.33 7.46 -5.84
N GLY B 75 13.62 8.44 -6.37
CA GLY B 75 12.22 8.62 -6.07
C GLY B 75 11.89 9.22 -4.73
N LYS B 76 12.86 9.88 -4.10
CA LYS B 76 12.57 10.58 -2.84
C LYS B 76 11.50 11.63 -3.04
N THR B 77 11.60 12.41 -4.12
CA THR B 77 10.62 13.44 -4.39
C THR B 77 9.30 12.81 -4.81
N ALA B 78 9.35 11.86 -5.74
CA ALA B 78 8.16 11.09 -6.12
C ALA B 78 7.40 10.49 -4.93
N LEU B 79 8.12 9.87 -4.00
CA LEU B 79 7.47 9.30 -2.81
C LEU B 79 6.82 10.34 -1.92
N ALA B 80 7.50 11.45 -1.67
CA ALA B 80 6.86 12.59 -0.98
C ALA B 80 5.59 13.04 -1.66
N LEU B 81 5.65 13.19 -2.99
CA LEU B 81 4.49 13.62 -3.75
C LEU B 81 3.37 12.57 -3.71
N ALA B 82 3.76 11.29 -3.71
CA ALA B 82 2.84 10.17 -3.61
C ALA B 82 2.15 10.17 -2.25
N ILE B 83 2.91 10.39 -1.18
CA ILE B 83 2.31 10.51 0.15
C ILE B 83 1.19 11.53 0.13
N ALA B 84 1.43 12.70 -0.43
CA ALA B 84 0.42 13.74 -0.45
C ALA B 84 -0.79 13.36 -1.32
N GLN B 85 -0.54 12.63 -2.42
CA GLN B 85 -1.61 12.14 -3.32
C GLN B 85 -2.53 11.21 -2.56
N GLU B 86 -1.96 10.32 -1.76
CA GLU B 86 -2.74 9.43 -0.90
C GLU B 86 -3.60 10.16 0.16
N LEU B 87 -3.19 11.36 0.58
CA LEU B 87 -3.97 12.10 1.59
C LEU B 87 -5.20 12.78 0.99
N GLY B 88 -5.08 13.17 -0.27
CA GLY B 88 -6.20 13.68 -1.06
C GLY B 88 -5.62 14.33 -2.31
N SER B 89 -6.41 14.35 -3.38
CA SER B 89 -5.94 14.96 -4.63
C SER B 89 -5.74 16.45 -4.41
N LYS B 90 -6.57 17.01 -3.53
CA LYS B 90 -6.52 18.42 -3.22
C LYS B 90 -5.63 18.79 -2.00
N VAL B 91 -4.88 17.83 -1.45
CA VAL B 91 -4.05 18.09 -0.27
C VAL B 91 -2.80 18.75 -0.77
N PRO B 92 -2.49 19.95 -0.28
CA PRO B 92 -1.38 20.70 -0.84
C PRO B 92 -0.01 20.03 -0.66
N PHE B 93 0.81 20.07 -1.68
CA PHE B 93 2.13 19.56 -1.62
C PHE B 93 3.04 20.71 -2.00
N CYS B 94 3.94 21.07 -1.08
CA CYS B 94 4.89 22.13 -1.36
C CYS B 94 6.30 21.56 -1.36
N PRO B 95 6.91 21.38 -2.55
CA PRO B 95 8.29 20.92 -2.60
C PRO B 95 9.26 22.11 -2.54
N MET B 96 10.31 22.03 -1.71
CA MET B 96 11.31 23.08 -1.69
C MET B 96 12.68 22.46 -1.58
N VAL B 97 13.70 23.27 -1.77
CA VAL B 97 15.08 22.86 -1.50
C VAL B 97 15.59 23.73 -0.38
N GLY B 98 16.28 23.10 0.55
CA GLY B 98 16.77 23.77 1.75
C GLY B 98 17.62 24.99 1.43
N SER B 99 18.33 24.95 0.31
CA SER B 99 19.16 26.08 -0.12
C SER B 99 18.36 27.37 -0.46
N GLU B 100 17.06 27.26 -0.74
CA GLU B 100 16.21 28.43 -1.01
C GLU B 100 16.01 29.35 0.20
N VAL B 101 16.43 28.94 1.38
CA VAL B 101 16.26 29.80 2.57
C VAL B 101 17.24 30.94 2.58
N TYR B 102 18.33 30.80 1.82
CA TYR B 102 19.38 31.84 1.79
C TYR B 102 19.02 32.97 0.83
N SER B 103 18.94 34.17 1.37
CA SER B 103 18.67 35.36 0.57
C SER B 103 19.13 36.61 1.31
N THR B 104 19.49 37.64 0.56
CA THR B 104 19.76 38.93 1.18
C THR B 104 18.47 39.76 1.14
N GLU B 105 17.51 39.35 0.32
CA GLU B 105 16.23 40.06 0.24
C GLU B 105 15.39 39.80 1.48
N ILE B 106 15.26 38.51 1.79
CA ILE B 106 14.24 38.00 2.69
C ILE B 106 14.92 37.10 3.72
N LYS B 107 14.38 37.03 4.92
CA LYS B 107 14.94 36.17 5.97
C LYS B 107 14.63 34.69 5.77
N LYS B 108 15.50 33.86 6.33
CA LYS B 108 15.41 32.41 6.25
C LYS B 108 14.04 31.82 6.64
N THR B 109 13.45 32.36 7.70
CA THR B 109 12.26 31.78 8.27
C THR B 109 10.99 32.41 7.73
N GLU B 110 11.13 33.55 7.04
CA GLU B 110 10.07 34.05 6.17
C GLU B 110 9.90 33.11 4.97
N VAL B 111 10.98 32.55 4.46
CA VAL B 111 10.91 31.58 3.35
C VAL B 111 10.23 30.32 3.83
N LEU B 112 10.65 29.82 4.99
CA LEU B 112 10.00 28.66 5.58
C LEU B 112 8.54 28.94 5.93
N MET B 113 8.24 30.13 6.45
CA MET B 113 6.86 30.48 6.79
C MET B 113 5.99 30.51 5.54
N GLU B 114 6.52 31.08 4.46
CA GLU B 114 5.84 31.10 3.18
C GLU B 114 5.53 29.69 2.71
N ASN B 115 6.52 28.80 2.78
CA ASN B 115 6.33 27.40 2.36
C ASN B 115 5.39 26.61 3.28
N PHE B 116 5.47 26.84 4.59
CA PHE B 116 4.45 26.32 5.49
C PHE B 116 3.06 26.75 5.14
N ARG B 117 2.89 28.00 4.75
CA ARG B 117 1.58 28.52 4.40
C ARG B 117 1.07 28.01 3.07
N ARG B 118 2.00 27.66 2.19
CA ARG B 118 1.72 26.94 0.94
C ARG B 118 1.34 25.47 1.13
N ALA B 119 1.72 24.88 2.26
CA ALA B 119 1.41 23.48 2.55
C ALA B 119 0.20 23.35 3.50
N ILE B 120 -0.51 24.45 3.77
CA ILE B 120 -1.75 24.40 4.53
C ILE B 120 -2.98 24.80 3.69
N GLY B 121 -3.91 23.87 3.54
CA GLY B 121 -5.08 24.09 2.73
C GLY B 121 -6.22 24.64 3.55
N LEU B 122 -7.22 25.11 2.84
CA LEU B 122 -8.36 25.75 3.40
C LEU B 122 -9.50 25.48 2.41
N ARG B 123 -10.49 24.70 2.86
CA ARG B 123 -11.73 24.51 2.09
C ARG B 123 -12.75 25.49 2.62
N ILE B 124 -13.17 26.41 1.76
CA ILE B 124 -14.04 27.49 2.17
C ILE B 124 -15.39 27.35 1.48
N LYS B 125 -16.46 27.29 2.26
CA LYS B 125 -17.82 27.31 1.74
C LYS B 125 -18.17 28.75 1.42
N GLU B 126 -18.53 29.04 0.18
CA GLU B 126 -19.05 30.38 -0.14
C GLU B 126 -20.22 30.29 -1.09
N THR B 127 -21.17 31.20 -0.93
CA THR B 127 -22.37 31.15 -1.74
C THR B 127 -22.34 32.17 -2.89
N LYS B 128 -22.66 31.69 -4.10
CA LYS B 128 -22.70 32.54 -5.29
C LYS B 128 -24.04 32.36 -5.99
N GLU B 129 -24.58 33.46 -6.52
CA GLU B 129 -25.76 33.42 -7.41
C GLU B 129 -25.44 32.64 -8.67
N VAL B 130 -26.12 31.50 -8.83
CA VAL B 130 -25.96 30.66 -10.02
C VAL B 130 -27.29 30.34 -10.72
N TYR B 131 -27.20 29.87 -11.97
CA TYR B 131 -28.23 29.14 -12.64
C TYR B 131 -27.62 27.80 -12.80
N GLU B 132 -28.29 26.78 -12.28
CA GLU B 132 -27.75 25.44 -12.30
C GLU B 132 -28.79 24.38 -12.66
N GLY B 133 -28.32 23.23 -13.09
CA GLY B 133 -29.18 22.15 -13.40
C GLY B 133 -28.58 21.15 -14.34
N GLU B 134 -29.36 20.12 -14.69
CA GLU B 134 -29.00 19.24 -15.81
C GLU B 134 -29.32 20.00 -17.06
N VAL B 135 -28.44 19.89 -18.04
CA VAL B 135 -28.65 20.52 -19.32
C VAL B 135 -29.54 19.65 -20.17
N THR B 136 -30.73 20.15 -20.47
CA THR B 136 -31.70 19.35 -21.21
C THR B 136 -31.75 19.71 -22.68
N GLU B 137 -31.21 20.87 -23.03
CA GLU B 137 -31.16 21.33 -24.40
C GLU B 137 -30.17 22.47 -24.54
N LEU B 138 -29.58 22.59 -25.73
CA LEU B 138 -28.69 23.68 -26.11
C LEU B 138 -29.03 24.13 -27.54
N THR B 139 -29.69 25.28 -27.68
CA THR B 139 -30.27 25.66 -28.95
C THR B 139 -29.69 26.99 -29.41
N PRO B 140 -28.71 26.91 -30.35
CA PRO B 140 -28.22 28.07 -31.11
C PRO B 140 -29.36 28.92 -31.64
N CYS B 141 -29.29 30.20 -31.38
CA CYS B 141 -30.45 31.06 -31.46
C CYS B 141 -30.11 32.56 -31.50
N SER B 155 -25.93 35.28 -31.71
CA SER B 155 -26.48 36.31 -30.82
C SER B 155 -26.69 35.77 -29.40
N HIS B 156 -27.27 34.58 -29.30
CA HIS B 156 -27.43 33.89 -28.00
C HIS B 156 -27.86 32.43 -28.17
N VAL B 157 -27.62 31.64 -27.14
CA VAL B 157 -28.02 30.24 -27.12
C VAL B 157 -29.07 30.02 -26.02
N ILE B 158 -30.08 29.24 -26.33
CA ILE B 158 -31.09 28.88 -25.36
C ILE B 158 -30.67 27.59 -24.67
N ILE B 159 -30.53 27.64 -23.35
CA ILE B 159 -30.18 26.47 -22.55
C ILE B 159 -31.39 26.08 -21.67
N GLY B 160 -31.66 24.79 -21.65
CA GLY B 160 -32.68 24.22 -20.80
C GLY B 160 -31.91 23.68 -19.62
N LEU B 161 -32.25 24.14 -18.42
CA LEU B 161 -31.66 23.62 -17.19
C LEU B 161 -32.76 23.03 -16.31
N LYS B 162 -32.51 21.83 -15.79
CA LYS B 162 -33.45 21.10 -14.94
C LYS B 162 -32.86 20.87 -13.55
N THR B 163 -33.64 21.13 -12.52
CA THR B 163 -33.30 20.74 -11.15
C THR B 163 -34.45 19.95 -10.59
N ALA B 164 -34.37 19.56 -9.33
CA ALA B 164 -35.50 18.84 -8.67
C ALA B 164 -36.88 19.54 -8.69
N LYS B 165 -36.91 20.87 -8.63
CA LYS B 165 -38.17 21.62 -8.58
C LYS B 165 -38.76 22.02 -9.93
N GLY B 166 -38.00 21.86 -11.01
CA GLY B 166 -38.47 22.19 -12.36
C GLY B 166 -37.35 22.50 -13.36
N THR B 167 -37.74 22.89 -14.57
CA THR B 167 -36.88 23.18 -15.71
C THR B 167 -37.10 24.62 -16.12
N LYS B 168 -36.01 25.34 -16.37
CA LYS B 168 -36.09 26.70 -16.91
C LYS B 168 -35.26 26.82 -18.20
N GLN B 169 -35.78 27.64 -19.09
CA GLN B 169 -35.12 28.02 -20.31
C GLN B 169 -34.35 29.32 -20.04
N LEU B 170 -33.07 29.35 -20.39
CA LEU B 170 -32.27 30.55 -20.19
C LEU B 170 -31.56 31.01 -21.44
N LYS B 171 -31.29 32.30 -21.45
CA LYS B 171 -30.59 32.98 -22.54
C LYS B 171 -29.14 33.12 -22.11
N LEU B 172 -28.22 32.58 -22.89
CA LEU B 172 -26.80 32.76 -22.65
C LEU B 172 -26.21 33.61 -23.78
N ASP B 173 -25.44 34.63 -23.43
CA ASP B 173 -24.72 35.38 -24.45
C ASP B 173 -23.50 34.56 -24.92
N PRO B 174 -22.95 34.90 -26.10
CA PRO B 174 -21.76 34.27 -26.67
C PRO B 174 -20.63 33.98 -25.67
N SER B 175 -20.29 34.96 -24.83
CA SER B 175 -19.21 34.81 -23.85
C SER B 175 -19.41 33.59 -22.96
N ILE B 176 -20.61 33.50 -22.37
CA ILE B 176 -20.96 32.35 -21.52
C ILE B 176 -20.96 31.02 -22.30
N PHE B 177 -21.45 31.03 -23.53
CA PHE B 177 -21.52 29.78 -24.30
C PHE B 177 -20.15 29.28 -24.71
N GLU B 178 -19.20 30.19 -24.91
CA GLU B 178 -17.82 29.82 -25.14
C GLU B 178 -17.21 29.13 -23.92
N SER B 179 -17.48 29.66 -22.72
CA SER B 179 -17.09 29.01 -21.46
C SER B 179 -17.74 27.62 -21.33
N LEU B 180 -18.95 27.50 -21.84
CA LEU B 180 -19.70 26.26 -21.71
C LEU B 180 -19.01 25.23 -22.58
N GLN B 181 -18.70 25.61 -23.82
CA GLN B 181 -17.97 24.73 -24.75
C GLN B 181 -16.57 24.36 -24.23
N LYS B 182 -15.84 25.33 -23.68
CA LYS B 182 -14.52 25.10 -23.11
C LYS B 182 -14.55 24.09 -21.97
N GLU B 183 -15.62 24.12 -21.20
CA GLU B 183 -15.80 23.17 -20.10
C GLU B 183 -16.34 21.79 -20.58
N ARG B 184 -16.62 21.67 -21.88
CA ARG B 184 -17.03 20.42 -22.51
C ARG B 184 -18.38 19.97 -21.97
N VAL B 185 -19.28 20.94 -21.86
CA VAL B 185 -20.62 20.72 -21.43
C VAL B 185 -21.46 20.22 -22.62
N GLU B 186 -22.13 19.09 -22.41
CA GLU B 186 -23.11 18.53 -23.35
C GLU B 186 -24.42 18.34 -22.61
N ALA B 187 -25.48 18.18 -23.40
CA ALA B 187 -26.77 17.79 -22.88
C ALA B 187 -26.61 16.56 -21.98
N GLY B 188 -27.22 16.62 -20.81
CA GLY B 188 -27.13 15.53 -19.85
C GLY B 188 -26.15 15.80 -18.73
N ASP B 189 -25.23 16.75 -18.94
CA ASP B 189 -24.28 17.17 -17.88
C ASP B 189 -24.96 18.05 -16.86
N VAL B 190 -24.49 17.97 -15.62
CA VAL B 190 -24.95 18.86 -14.57
C VAL B 190 -23.95 19.98 -14.42
N ILE B 191 -24.48 21.21 -14.43
CA ILE B 191 -23.62 22.39 -14.39
C ILE B 191 -24.15 23.45 -13.47
N TYR B 192 -23.31 24.43 -13.18
CA TYR B 192 -23.82 25.74 -12.75
C TYR B 192 -23.16 26.85 -13.52
N ILE B 193 -23.91 27.94 -13.67
CA ILE B 193 -23.42 29.16 -14.27
C ILE B 193 -23.52 30.28 -13.27
N GLU B 194 -22.38 30.92 -12.98
CA GLU B 194 -22.30 32.04 -12.09
C GLU B 194 -22.87 33.27 -12.80
N ALA B 195 -23.90 33.86 -12.23
CA ALA B 195 -24.62 34.92 -12.90
C ALA B 195 -23.78 36.17 -13.08
N ASN B 196 -22.90 36.41 -12.10
CA ASN B 196 -22.12 37.63 -12.08
C ASN B 196 -20.89 37.59 -12.96
N SER B 197 -20.11 36.52 -12.86
CA SER B 197 -18.91 36.33 -13.67
C SER B 197 -19.17 35.58 -15.00
N GLY B 198 -20.31 34.91 -15.14
CA GLY B 198 -20.56 34.06 -16.31
C GLY B 198 -19.62 32.86 -16.35
N ALA B 199 -19.02 32.52 -15.22
CA ALA B 199 -18.16 31.36 -15.18
C ALA B 199 -19.05 30.11 -15.20
N VAL B 200 -18.78 29.23 -16.15
CA VAL B 200 -19.45 27.96 -16.26
C VAL B 200 -18.60 26.89 -15.61
N LYS B 201 -19.26 26.05 -14.80
CA LYS B 201 -18.64 24.90 -14.14
C LYS B 201 -19.47 23.61 -14.35
N ARG B 202 -18.81 22.60 -14.92
CA ARG B 202 -19.37 21.24 -15.09
C ARG B 202 -19.18 20.45 -13.78
N GLN B 203 -20.26 20.19 -13.07
CA GLN B 203 -20.19 19.34 -11.90
C GLN B 203 -19.96 17.88 -12.30
N GLY B 204 -20.51 17.49 -13.45
CA GLY B 204 -20.38 16.09 -13.92
C GLY B 204 -21.50 15.78 -14.85
N ARG B 205 -21.73 14.49 -15.06
CA ARG B 205 -22.84 14.02 -15.87
C ARG B 205 -24.04 13.63 -14.97
N CYS B 206 -25.27 13.87 -15.41
CA CYS B 206 -26.39 13.51 -14.57
C CYS B 206 -26.46 11.99 -14.32
N ASP B 207 -26.75 11.61 -13.08
CA ASP B 207 -26.58 10.22 -12.70
C ASP B 207 -27.76 9.33 -13.14
N THR B 208 -28.74 9.95 -13.77
CA THR B 208 -29.72 9.24 -14.57
C THR B 208 -29.07 8.46 -15.72
N TYR B 209 -27.89 8.92 -16.19
CA TYR B 209 -27.19 8.27 -17.32
C TYR B 209 -26.23 7.14 -16.91
N ALA B 210 -26.25 6.73 -15.66
CA ALA B 210 -25.38 5.68 -15.18
C ALA B 210 -26.08 4.77 -14.20
N THR B 211 -25.72 3.50 -14.23
CA THR B 211 -26.17 2.59 -13.21
C THR B 211 -25.15 2.60 -12.07
N GLU B 212 -25.60 3.10 -10.91
CA GLU B 212 -24.81 3.19 -9.71
C GLU B 212 -25.34 2.27 -8.61
N PHE B 213 -25.04 0.99 -8.71
CA PHE B 213 -25.64 -0.02 -7.87
C PHE B 213 -24.64 -0.85 -7.08
N ASP B 214 -24.64 -0.64 -5.77
CA ASP B 214 -23.61 -1.11 -4.86
C ASP B 214 -22.23 -0.49 -5.19
N LEU B 215 -22.29 0.72 -5.73
CA LEU B 215 -21.14 1.46 -6.19
C LEU B 215 -21.64 2.87 -6.49
N GLU B 216 -20.77 3.87 -6.28
CA GLU B 216 -21.02 5.25 -6.76
C GLU B 216 -19.85 5.73 -7.59
N ALA B 217 -20.15 6.49 -8.63
CA ALA B 217 -19.15 6.97 -9.55
C ALA B 217 -19.10 8.48 -9.37
N GLU B 218 -17.92 9.02 -9.08
CA GLU B 218 -17.77 10.47 -8.74
C GLU B 218 -18.12 11.38 -9.93
N GLU B 219 -17.93 10.86 -11.13
CA GLU B 219 -18.21 11.57 -12.36
C GLU B 219 -19.73 11.80 -12.60
N TYR B 220 -20.58 11.02 -11.92
CA TYR B 220 -22.04 11.11 -12.10
C TYR B 220 -22.62 11.74 -10.85
N VAL B 221 -23.43 12.78 -11.02
CA VAL B 221 -23.98 13.54 -9.90
C VAL B 221 -25.49 13.70 -10.01
N PRO B 222 -26.18 13.81 -8.87
CA PRO B 222 -27.63 13.96 -8.88
C PRO B 222 -28.14 15.23 -9.55
N LEU B 223 -29.41 15.19 -9.92
CA LEU B 223 -30.15 16.37 -10.28
C LEU B 223 -30.09 17.31 -9.10
N PRO B 224 -29.70 18.59 -9.30
CA PRO B 224 -29.61 19.51 -8.16
C PRO B 224 -30.96 19.74 -7.49
N LYS B 225 -30.93 20.01 -6.19
CA LYS B 225 -32.16 20.38 -5.47
C LYS B 225 -32.42 21.88 -5.61
N GLY B 226 -33.64 22.25 -5.28
CA GLY B 226 -34.07 23.63 -5.32
C GLY B 226 -34.41 24.11 -6.73
N ASP B 227 -34.38 25.44 -6.85
CA ASP B 227 -34.64 26.09 -8.11
C ASP B 227 -33.34 26.24 -8.93
N VAL B 228 -33.56 26.44 -10.23
CA VAL B 228 -32.49 26.66 -11.19
C VAL B 228 -31.68 27.88 -10.81
N HIS B 229 -32.41 28.96 -10.52
CA HIS B 229 -31.82 30.19 -10.09
C HIS B 229 -31.78 30.19 -8.56
N LYS B 230 -30.56 30.11 -8.03
CA LYS B 230 -30.39 30.08 -6.58
C LYS B 230 -29.04 30.64 -6.13
N LYS B 231 -28.95 30.90 -4.83
CA LYS B 231 -27.68 31.13 -4.16
C LYS B 231 -27.16 29.75 -3.78
N LYS B 232 -25.98 29.40 -4.27
CA LYS B 232 -25.48 28.05 -4.18
C LYS B 232 -24.21 28.04 -3.36
N GLU B 233 -24.08 27.00 -2.55
CA GLU B 233 -22.87 26.77 -1.79
C GLU B 233 -21.81 26.11 -2.65
N ILE B 234 -20.70 26.83 -2.84
CA ILE B 234 -19.55 26.30 -3.57
C ILE B 234 -18.29 26.35 -2.67
N ILE B 235 -17.49 25.30 -2.76
CA ILE B 235 -16.27 25.14 -1.98
C ILE B 235 -15.07 25.54 -2.83
N GLN B 236 -14.36 26.62 -2.46
CA GLN B 236 -13.11 26.98 -3.13
C GLN B 236 -11.93 26.49 -2.29
N ASP B 237 -11.00 25.79 -2.93
CA ASP B 237 -9.78 25.34 -2.29
C ASP B 237 -8.71 26.36 -2.53
N VAL B 238 -8.04 26.70 -1.47
CA VAL B 238 -7.04 27.73 -1.52
C VAL B 238 -5.99 27.30 -0.50
N THR B 239 -4.85 27.96 -0.51
CA THR B 239 -3.85 27.77 0.52
C THR B 239 -3.81 29.07 1.29
N LEU B 240 -3.08 29.08 2.39
CA LEU B 240 -2.88 30.31 3.13
C LEU B 240 -2.05 31.26 2.28
N HIS B 241 -1.01 30.75 1.62
CA HIS B 241 -0.15 31.57 0.77
C HIS B 241 -0.93 32.26 -0.34
N ASP B 242 -1.80 31.54 -1.01
CA ASP B 242 -2.65 32.14 -2.04
C ASP B 242 -3.23 33.45 -1.52
N LEU B 243 -3.85 33.39 -0.34
CA LEU B 243 -4.52 34.55 0.29
C LEU B 243 -3.55 35.71 0.53
N ASP B 244 -2.28 35.40 0.73
CA ASP B 244 -1.26 36.45 0.83
C ASP B 244 -1.05 37.13 -0.53
N ILE B 279 -5.30 38.15 8.28
CA ILE B 279 -5.87 37.04 7.49
C ILE B 279 -6.16 35.82 8.37
N ASN B 280 -5.27 35.56 9.32
CA ASN B 280 -5.43 34.44 10.24
C ASN B 280 -6.63 34.65 11.15
N LYS B 281 -6.88 35.90 11.53
CA LYS B 281 -8.05 36.26 12.31
C LYS B 281 -9.29 35.86 11.54
N VAL B 282 -9.44 36.43 10.35
CA VAL B 282 -10.60 36.12 9.47
C VAL B 282 -10.76 34.62 9.27
N VAL B 283 -9.65 33.91 9.09
CA VAL B 283 -9.69 32.47 8.88
C VAL B 283 -10.16 31.74 10.14
N ASN B 284 -9.56 32.10 11.29
CA ASN B 284 -9.94 31.50 12.58
C ASN B 284 -11.45 31.62 12.82
N LYS B 285 -12.01 32.79 12.50
CA LYS B 285 -13.45 33.06 12.66
C LYS B 285 -14.30 32.20 11.72
N TYR B 286 -13.89 32.13 10.46
CA TYR B 286 -14.53 31.27 9.46
C TYR B 286 -14.53 29.83 9.91
N ILE B 287 -13.47 29.40 10.58
CA ILE B 287 -13.37 28.03 11.06
C ILE B 287 -14.33 27.81 12.23
N ASP B 288 -14.32 28.73 13.19
CA ASP B 288 -15.25 28.68 14.33
C ASP B 288 -16.70 28.50 13.87
N GLN B 289 -17.07 29.18 12.78
CA GLN B 289 -18.45 29.19 12.27
C GLN B 289 -18.77 28.06 11.29
N GLY B 290 -17.79 27.22 10.96
CA GLY B 290 -18.01 26.12 10.00
C GLY B 290 -18.00 26.54 8.53
N ILE B 291 -17.51 27.76 8.27
CA ILE B 291 -17.45 28.32 6.92
C ILE B 291 -16.21 27.81 6.18
N ALA B 292 -15.12 27.60 6.92
CA ALA B 292 -13.86 27.14 6.34
C ALA B 292 -13.31 25.95 7.12
N GLU B 293 -12.56 25.11 6.42
CA GLU B 293 -12.04 23.84 6.94
C GLU B 293 -10.54 23.79 6.66
N LEU B 294 -9.75 23.49 7.67
CA LEU B 294 -8.31 23.42 7.54
C LEU B 294 -7.89 22.06 6.98
N VAL B 295 -6.96 22.09 6.02
CA VAL B 295 -6.43 20.89 5.38
C VAL B 295 -4.88 20.95 5.40
N PRO B 296 -4.25 20.41 6.45
CA PRO B 296 -2.79 20.42 6.48
C PRO B 296 -2.23 19.52 5.40
N GLY B 297 -1.20 19.98 4.70
CA GLY B 297 -0.64 19.22 3.60
C GLY B 297 0.74 18.69 3.91
N VAL B 298 1.60 18.75 2.90
CA VAL B 298 2.91 18.20 2.99
C VAL B 298 3.91 19.24 2.53
N LEU B 299 4.93 19.44 3.37
CA LEU B 299 6.05 20.26 3.04
C LEU B 299 7.19 19.32 2.83
N PHE B 300 7.75 19.29 1.62
CA PHE B 300 8.84 18.39 1.31
C PHE B 300 10.10 19.25 1.28
N VAL B 301 11.10 18.94 2.10
CA VAL B 301 12.29 19.79 2.15
C VAL B 301 13.46 19.01 1.68
N ASP B 302 13.77 19.14 0.42
CA ASP B 302 14.87 18.40 -0.15
C ASP B 302 16.19 19.03 0.28
N GLU B 303 17.26 18.23 0.25
CA GLU B 303 18.62 18.70 0.60
C GLU B 303 18.64 19.35 1.98
N VAL B 304 18.20 18.58 2.97
CA VAL B 304 17.98 19.08 4.31
C VAL B 304 19.29 19.61 4.95
N HIS B 305 20.42 19.14 4.43
CA HIS B 305 21.72 19.50 4.94
C HIS B 305 22.09 20.96 4.65
N MET B 306 21.40 21.59 3.71
CA MET B 306 21.57 23.00 3.44
C MET B 306 20.85 23.88 4.49
N LEU B 307 19.91 23.34 5.25
CA LEU B 307 19.33 24.12 6.36
C LEU B 307 20.38 24.32 7.46
N ASP B 308 20.33 25.47 8.14
CA ASP B 308 21.16 25.70 9.31
C ASP B 308 20.35 25.61 10.62
N ILE B 309 21.02 25.80 11.74
CA ILE B 309 20.40 25.70 13.08
C ILE B 309 19.16 26.59 13.26
N GLU B 310 19.23 27.84 12.81
CA GLU B 310 18.07 28.72 12.91
C GLU B 310 16.88 28.15 12.17
N CYS B 311 17.12 27.50 11.02
CA CYS B 311 16.08 26.86 10.27
C CYS B 311 15.49 25.66 11.01
N PHE B 312 16.34 24.81 11.57
CA PHE B 312 15.89 23.66 12.37
C PHE B 312 15.16 24.10 13.65
N THR B 313 15.67 25.13 14.29
CA THR B 313 14.92 25.73 15.38
C THR B 313 13.49 26.06 14.95
N TYR B 314 13.37 26.91 13.93
CA TYR B 314 12.08 27.32 13.41
C TYR B 314 11.18 26.12 13.10
N LEU B 315 11.75 25.10 12.48
CA LEU B 315 10.99 23.94 12.05
C LEU B 315 10.44 23.10 13.20
N HIS B 316 11.05 23.19 14.37
CA HIS B 316 10.53 22.52 15.55
C HIS B 316 9.13 22.96 15.95
N ARG B 317 8.81 24.24 15.77
CA ARG B 317 7.44 24.75 15.97
C ARG B 317 6.36 23.89 15.29
N ALA B 318 6.58 23.56 14.02
CA ALA B 318 5.65 22.71 13.28
C ALA B 318 5.50 21.31 13.86
N LEU B 319 6.48 20.84 14.62
CA LEU B 319 6.36 19.56 15.33
C LEU B 319 5.78 19.76 16.72
N GLU B 320 5.40 20.99 17.02
CA GLU B 320 4.79 21.31 18.30
C GLU B 320 3.45 21.96 18.06
N SER B 321 2.90 21.65 16.88
CA SER B 321 1.68 22.27 16.39
C SER B 321 0.77 21.18 15.83
N SER B 322 -0.36 21.02 16.50
CA SER B 322 -1.48 20.21 16.01
C SER B 322 -1.84 20.50 14.54
N ILE B 323 -2.00 21.79 14.24
CA ILE B 323 -2.39 22.29 12.88
C ILE B 323 -1.45 21.93 11.72
N ALA B 324 -0.16 21.71 11.99
CA ALA B 324 0.87 21.82 10.96
C ALA B 324 0.87 20.75 9.86
N PRO B 325 1.36 21.12 8.66
CA PRO B 325 1.60 20.17 7.59
C PRO B 325 2.67 19.18 8.01
N ILE B 326 2.64 17.98 7.45
CA ILE B 326 3.65 17.00 7.73
C ILE B 326 4.93 17.51 7.05
N VAL B 327 6.05 17.45 7.75
CA VAL B 327 7.32 17.78 7.10
C VAL B 327 8.01 16.50 6.69
N ILE B 328 8.37 16.41 5.40
CA ILE B 328 9.15 15.30 4.91
C ILE B 328 10.47 15.91 4.43
N PHE B 329 11.57 15.44 4.99
CA PHE B 329 12.91 15.83 4.59
C PHE B 329 13.48 14.82 3.60
N ALA B 330 14.48 15.25 2.85
CA ALA B 330 15.25 14.34 2.02
C ALA B 330 16.73 14.62 2.10
N SER B 331 17.50 13.55 1.93
CA SER B 331 18.90 13.57 2.06
C SER B 331 19.59 12.54 1.20
N ASN B 332 20.64 12.97 0.52
CA ASN B 332 21.56 12.07 -0.14
C ASN B 332 22.94 11.98 0.53
N ARG B 333 23.13 12.57 1.71
CA ARG B 333 24.45 12.50 2.40
C ARG B 333 24.38 11.56 3.58
N GLY B 334 25.54 11.22 4.08
CA GLY B 334 25.65 10.58 5.38
C GLY B 334 25.85 11.64 6.45
N ASN B 335 26.93 11.53 7.18
CA ASN B 335 27.20 12.49 8.24
C ASN B 335 27.68 13.79 7.65
N CYS B 336 27.17 14.91 8.18
CA CYS B 336 27.64 16.24 7.81
C CYS B 336 27.76 17.12 9.04
N VAL B 337 28.60 18.13 8.95
CA VAL B 337 28.63 19.22 9.91
C VAL B 337 27.27 19.95 9.83
N ILE B 338 26.65 20.15 10.97
CA ILE B 338 25.38 20.84 11.02
C ILE B 338 25.68 22.27 10.66
N ARG B 339 24.98 22.74 9.65
CA ARG B 339 25.23 24.04 9.10
C ARG B 339 24.87 25.05 10.17
N GLY B 340 25.74 26.06 10.33
CA GLY B 340 25.66 27.00 11.44
C GLY B 340 26.50 26.65 12.66
N THR B 341 26.98 25.41 12.79
CA THR B 341 27.84 24.99 13.92
C THR B 341 29.33 24.94 13.65
N GLU B 342 29.72 24.75 12.42
CA GLU B 342 31.15 24.63 12.09
C GLU B 342 31.95 23.44 12.68
N ASP B 343 31.46 22.76 13.72
CA ASP B 343 32.14 21.53 14.17
C ASP B 343 31.25 20.31 14.54
N ILE B 344 29.96 20.52 14.67
CA ILE B 344 29.07 19.46 15.08
C ILE B 344 28.59 18.66 13.87
N THR B 345 29.05 17.42 13.75
CA THR B 345 28.59 16.53 12.68
C THR B 345 27.45 15.64 13.17
N SER B 346 26.44 15.42 12.33
CA SER B 346 25.45 14.41 12.61
C SER B 346 24.83 13.86 11.35
N PRO B 347 24.11 12.72 11.49
CA PRO B 347 23.45 12.13 10.34
C PRO B 347 22.68 13.15 9.54
N HIS B 348 23.08 13.31 8.28
CA HIS B 348 22.32 14.06 7.30
C HIS B 348 22.31 15.57 7.56
N GLY B 349 23.20 16.04 8.42
CA GLY B 349 23.28 17.44 8.79
C GLY B 349 22.12 17.93 9.61
N ILE B 350 21.44 17.00 10.27
CA ILE B 350 20.27 17.30 11.06
C ILE B 350 20.60 17.13 12.52
N PRO B 351 20.23 18.11 13.36
CA PRO B 351 20.52 18.01 14.79
C PRO B 351 19.81 16.81 15.43
N LEU B 352 20.43 16.32 16.48
CA LEU B 352 19.99 15.11 17.16
C LEU B 352 18.56 15.21 17.69
N ASP B 353 18.20 16.36 18.23
CA ASP B 353 16.88 16.50 18.82
C ASP B 353 15.81 16.44 17.73
N LEU B 354 16.14 16.90 16.51
CA LEU B 354 15.23 16.72 15.41
C LEU B 354 15.22 15.26 14.95
N LEU B 355 16.40 14.66 14.88
CA LEU B 355 16.56 13.30 14.33
C LEU B 355 15.83 12.25 15.17
N ASP B 356 15.69 12.50 16.46
CA ASP B 356 14.84 11.65 17.34
C ASP B 356 13.35 11.66 17.05
N ARG B 357 12.88 12.66 16.32
CA ARG B 357 11.45 12.77 15.98
C ARG B 357 11.18 12.45 14.52
N VAL B 358 12.21 12.00 13.82
CA VAL B 358 12.14 11.77 12.39
C VAL B 358 12.06 10.27 12.14
N MET B 359 11.10 9.85 11.30
CA MET B 359 11.04 8.49 10.80
C MET B 359 11.78 8.41 9.45
N ILE B 360 12.79 7.55 9.39
CA ILE B 360 13.73 7.49 8.29
C ILE B 360 13.44 6.31 7.39
N ILE B 361 13.21 6.62 6.13
CA ILE B 361 12.92 5.63 5.09
C ILE B 361 14.05 5.70 4.08
N ARG B 362 14.55 4.54 3.71
CA ARG B 362 15.61 4.44 2.75
C ARG B 362 15.10 4.24 1.31
N THR B 363 15.68 4.96 0.35
CA THR B 363 15.41 4.71 -1.07
C THR B 363 16.66 4.14 -1.70
N MET B 364 16.51 3.16 -2.59
CA MET B 364 17.66 2.56 -3.20
C MET B 364 17.68 2.74 -4.69
N LEU B 365 18.82 2.41 -5.28
CA LEU B 365 19.01 2.54 -6.71
C LEU B 365 18.15 1.53 -7.47
N TYR B 366 17.75 1.91 -8.67
CA TYR B 366 17.01 1.05 -9.55
C TYR B 366 17.87 0.08 -10.37
N THR B 367 17.39 -1.13 -10.50
CA THR B 367 17.94 -2.08 -11.46
C THR B 367 17.73 -1.51 -12.87
N PRO B 368 18.48 -2.03 -13.85
CA PRO B 368 18.28 -1.70 -15.25
C PRO B 368 16.84 -1.86 -15.73
N GLN B 369 16.20 -2.96 -15.38
CA GLN B 369 14.81 -3.19 -15.73
C GLN B 369 13.88 -2.11 -15.20
N GLU B 370 13.99 -1.77 -13.90
CA GLU B 370 13.18 -0.68 -13.32
C GLU B 370 13.41 0.69 -13.99
N MET B 371 14.67 0.99 -14.32
CA MET B 371 15.03 2.25 -14.96
C MET B 371 14.25 2.33 -16.29
N LYS B 372 14.20 1.24 -17.04
CA LYS B 372 13.47 1.24 -18.31
C LYS B 372 11.99 1.42 -18.15
N GLN B 373 11.39 0.74 -17.19
CA GLN B 373 9.97 0.95 -16.87
C GLN B 373 9.66 2.41 -16.49
N ILE B 374 10.52 3.03 -15.69
CA ILE B 374 10.31 4.44 -15.37
C ILE B 374 10.47 5.36 -16.61
N ILE B 375 11.48 5.13 -17.43
CA ILE B 375 11.64 5.92 -18.66
C ILE B 375 10.41 5.76 -19.59
N LYS B 376 9.90 4.54 -19.72
CA LYS B 376 8.67 4.22 -20.48
C LYS B 376 7.40 4.94 -20.00
N ILE B 377 7.15 4.92 -18.69
CA ILE B 377 6.05 5.72 -18.09
C ILE B 377 6.21 7.23 -18.33
N ARG B 378 7.42 7.77 -18.18
CA ARG B 378 7.66 9.18 -18.51
C ARG B 378 7.34 9.48 -19.98
N ALA B 379 7.86 8.63 -20.87
CA ALA B 379 7.67 8.78 -22.30
C ALA B 379 6.17 8.76 -22.66
N GLN B 380 5.46 7.74 -22.18
CA GLN B 380 4.05 7.62 -22.45
C GLN B 380 3.18 8.71 -21.81
N THR B 381 3.65 9.31 -20.74
CA THR B 381 2.96 10.43 -20.09
C THR B 381 3.11 11.73 -20.89
N GLU B 382 4.30 11.96 -21.45
CA GLU B 382 4.53 13.09 -22.33
C GLU B 382 3.94 12.87 -23.74
N GLY B 383 3.42 11.67 -23.99
CA GLY B 383 2.92 11.31 -25.31
C GLY B 383 4.05 11.12 -26.28
N ILE B 384 5.11 10.44 -25.84
CA ILE B 384 6.29 10.19 -26.65
C ILE B 384 6.42 8.69 -26.89
N ASN B 385 6.56 8.31 -28.15
CA ASN B 385 6.77 6.92 -28.57
C ASN B 385 8.25 6.61 -28.66
N ILE B 386 8.61 5.41 -28.22
CA ILE B 386 10.01 4.99 -28.18
C ILE B 386 10.15 3.49 -28.46
N SER B 387 11.08 3.14 -29.33
CA SER B 387 11.34 1.74 -29.63
C SER B 387 12.00 1.06 -28.45
N GLU B 388 11.98 -0.27 -28.49
CA GLU B 388 12.51 -1.08 -27.42
C GLU B 388 14.02 -0.90 -27.31
N GLU B 389 14.71 -0.91 -28.43
CA GLU B 389 16.16 -0.82 -28.41
C GLU B 389 16.58 0.58 -27.98
N ALA B 390 15.80 1.59 -28.37
CA ALA B 390 16.05 2.96 -27.92
C ALA B 390 15.92 3.05 -26.40
N LEU B 391 14.87 2.43 -25.86
CA LEU B 391 14.64 2.38 -24.42
C LEU B 391 15.69 1.55 -23.73
N ASN B 392 16.17 0.50 -24.40
CA ASN B 392 17.30 -0.27 -23.88
C ASN B 392 18.52 0.65 -23.74
N HIS B 393 18.79 1.46 -24.77
CA HIS B 393 19.96 2.35 -24.72
C HIS B 393 19.76 3.41 -23.63
N LEU B 394 18.57 3.98 -23.51
CA LEU B 394 18.30 4.99 -22.49
C LEU B 394 18.48 4.44 -21.09
N GLY B 395 18.19 3.15 -20.93
CA GLY B 395 18.33 2.49 -19.65
C GLY B 395 19.77 2.35 -19.22
N GLU B 396 20.61 1.91 -20.15
CA GLU B 396 22.05 1.82 -19.94
C GLU B 396 22.65 3.18 -19.56
N ILE B 397 22.25 4.22 -20.28
CA ILE B 397 22.70 5.56 -19.96
C ILE B 397 22.36 5.90 -18.53
N GLY B 398 21.13 5.63 -18.11
CA GLY B 398 20.71 5.98 -16.74
C GLY B 398 21.50 5.24 -15.66
N THR B 399 21.85 3.99 -15.94
CA THR B 399 22.66 3.16 -15.04
C THR B 399 24.10 3.72 -14.91
N LYS B 400 24.65 4.21 -16.01
CA LYS B 400 25.99 4.84 -16.01
C LYS B 400 25.97 6.24 -15.42
N THR B 401 24.83 6.92 -15.52
CA THR B 401 24.71 8.28 -15.06
C THR B 401 23.66 8.36 -13.95
N THR B 402 22.53 9.01 -14.21
CA THR B 402 21.37 8.92 -13.32
C THR B 402 20.10 8.73 -14.10
N LEU B 403 19.07 8.22 -13.42
CA LEU B 403 17.71 8.12 -13.95
C LEU B 403 17.25 9.47 -14.48
N ARG B 404 17.44 10.49 -13.66
CA ARG B 404 17.05 11.85 -14.00
C ARG B 404 17.70 12.30 -15.31
N TYR B 405 18.93 11.88 -15.56
CA TYR B 405 19.61 12.30 -16.79
C TYR B 405 19.05 11.56 -18.02
N SER B 406 18.82 10.26 -17.89
CA SER B 406 18.13 9.49 -18.93
C SER B 406 16.77 10.06 -19.32
N VAL B 407 15.96 10.37 -18.31
CA VAL B 407 14.65 10.93 -18.52
C VAL B 407 14.71 12.27 -19.24
N GLN B 408 15.66 13.12 -18.85
CA GLN B 408 15.78 14.43 -19.50
C GLN B 408 16.13 14.31 -20.99
N LEU B 409 16.70 13.20 -21.43
CA LEU B 409 16.98 13.03 -22.86
C LEU B 409 15.77 12.72 -23.75
N LEU B 410 14.59 12.46 -23.18
CA LEU B 410 13.42 12.05 -24.00
C LEU B 410 12.93 13.17 -24.91
N THR B 411 12.73 14.36 -24.36
CA THR B 411 12.17 15.43 -25.15
C THR B 411 13.11 15.82 -26.31
N PRO B 412 14.39 16.11 -26.00
CA PRO B 412 15.35 16.31 -27.11
C PRO B 412 15.40 15.16 -28.13
N ALA B 413 15.38 13.91 -27.66
CA ALA B 413 15.40 12.75 -28.55
C ALA B 413 14.14 12.68 -29.45
N ASN B 414 13.00 13.04 -28.87
CA ASN B 414 11.74 13.12 -29.60
C ASN B 414 11.68 14.22 -30.67
N LEU B 415 12.52 15.23 -30.53
CA LEU B 415 12.59 16.30 -31.52
C LEU B 415 13.44 15.88 -32.72
N LEU B 416 14.52 15.15 -32.46
CA LEU B 416 15.28 14.47 -33.51
C LEU B 416 14.40 13.51 -34.28
N ALA B 417 13.55 12.78 -33.58
CA ALA B 417 12.56 11.89 -34.20
C ALA B 417 11.51 12.68 -34.98
N LYS B 418 11.05 13.81 -34.43
CA LYS B 418 10.14 14.69 -35.17
C LYS B 418 10.83 15.39 -36.35
N ILE B 419 12.15 15.64 -36.23
CA ILE B 419 12.94 16.25 -37.32
C ILE B 419 13.07 15.31 -38.51
N ASN B 420 13.36 14.04 -38.25
CA ASN B 420 13.44 13.03 -39.31
C ASN B 420 12.08 12.38 -39.61
N GLY B 421 10.98 13.11 -39.35
CA GLY B 421 9.63 12.65 -39.65
C GLY B 421 9.21 11.34 -39.01
N LYS B 422 9.86 10.96 -37.90
CA LYS B 422 9.60 9.67 -37.24
C LYS B 422 8.50 9.80 -36.20
N ASP B 423 7.76 8.72 -36.01
CA ASP B 423 6.64 8.70 -35.05
C ASP B 423 7.06 8.32 -33.64
N SER B 424 8.21 7.64 -33.53
CA SER B 424 8.76 7.24 -32.24
C SER B 424 10.25 7.55 -32.21
N ILE B 425 10.81 7.56 -31.00
CA ILE B 425 12.26 7.58 -30.82
C ILE B 425 12.80 6.22 -31.28
N GLU B 426 13.82 6.27 -32.14
CA GLU B 426 14.55 5.07 -32.54
C GLU B 426 15.96 5.16 -31.91
N LYS B 427 16.66 4.02 -31.87
CA LYS B 427 17.97 3.92 -31.22
C LYS B 427 18.97 4.99 -31.64
N GLU B 428 18.97 5.33 -32.93
CA GLU B 428 19.93 6.29 -33.48
C GLU B 428 19.75 7.73 -32.96
N HIS B 429 18.53 8.07 -32.52
CA HIS B 429 18.26 9.41 -32.00
C HIS B 429 18.82 9.51 -30.60
N VAL B 430 18.60 8.48 -29.79
CA VAL B 430 19.20 8.41 -28.47
C VAL B 430 20.72 8.47 -28.59
N GLU B 431 21.29 7.77 -29.57
CA GLU B 431 22.74 7.72 -29.74
C GLU B 431 23.30 9.10 -30.10
N GLU B 432 22.66 9.77 -31.06
CA GLU B 432 23.02 11.14 -31.44
C GLU B 432 22.89 12.11 -30.26
N ILE B 433 21.77 12.03 -29.53
CA ILE B 433 21.52 12.97 -28.46
C ILE B 433 22.55 12.76 -27.32
N SER B 434 22.89 11.52 -27.01
CA SER B 434 23.94 11.26 -26.02
C SER B 434 25.34 11.65 -26.52
N GLU B 435 25.52 11.71 -27.84
CA GLU B 435 26.78 12.18 -28.42
C GLU B 435 26.90 13.68 -28.28
N LEU B 436 25.81 14.41 -28.54
CA LEU B 436 25.78 15.88 -28.49
C LEU B 436 25.79 16.51 -27.10
N PHE B 437 25.34 15.75 -26.11
CA PHE B 437 25.20 16.26 -24.74
C PHE B 437 25.91 15.38 -23.71
N TYR B 438 26.30 16.01 -22.59
CA TYR B 438 27.09 15.40 -21.54
C TYR B 438 26.32 15.38 -20.22
N ASP B 439 26.44 14.27 -19.48
CA ASP B 439 26.06 14.30 -18.06
C ASP B 439 27.10 15.17 -17.30
N ALA B 440 26.64 15.83 -16.24
CA ALA B 440 27.47 16.79 -15.48
C ALA B 440 28.78 16.23 -14.93
N LYS B 441 28.77 14.96 -14.58
CA LYS B 441 29.88 14.28 -13.95
C LYS B 441 31.01 14.02 -14.94
N SER B 442 30.64 13.63 -16.16
CA SER B 442 31.68 13.44 -17.18
C SER B 442 32.16 14.78 -17.73
N SER B 443 31.30 15.79 -17.74
CA SER B 443 31.73 17.13 -18.16
C SER B 443 32.76 17.74 -17.17
N ALA B 444 32.58 17.49 -15.87
CA ALA B 444 33.57 17.91 -14.87
C ALA B 444 34.89 17.19 -14.99
N LYS B 445 34.83 15.90 -15.34
CA LYS B 445 36.04 15.08 -15.47
C LYS B 445 36.93 15.63 -16.58
N ILE B 446 36.35 15.82 -17.76
CA ILE B 446 37.04 16.42 -18.90
C ILE B 446 37.77 17.71 -18.54
N LEU B 447 37.05 18.63 -17.92
CA LEU B 447 37.62 19.93 -17.61
C LEU B 447 38.62 19.93 -16.44
N ALA B 448 38.58 18.90 -15.60
CA ALA B 448 39.59 18.70 -14.57
C ALA B 448 41.00 18.65 -15.18
N LYS C 7 -5.00 30.44 29.29
CA LYS C 7 -4.33 29.56 28.27
C LYS C 7 -2.91 29.19 28.73
N SER C 8 -2.66 27.88 28.80
CA SER C 8 -1.37 27.34 29.21
C SER C 8 -0.43 27.18 28.02
N THR C 9 0.68 27.92 28.08
CA THR C 9 1.72 27.86 27.06
C THR C 9 2.73 26.71 27.28
N THR C 10 2.42 25.79 28.18
CA THR C 10 3.23 24.57 28.29
C THR C 10 3.31 23.92 26.91
N LYS C 11 4.52 23.52 26.55
CA LYS C 11 4.76 22.90 25.24
C LYS C 11 4.57 21.40 25.43
N THR C 12 3.31 20.96 25.37
CA THR C 12 2.92 19.62 25.82
C THR C 12 3.60 18.48 25.07
N GLN C 13 3.95 18.72 23.80
CA GLN C 13 4.56 17.68 22.98
C GLN C 13 5.93 17.28 23.46
N ARG C 14 6.64 18.19 24.12
CA ARG C 14 8.00 17.95 24.62
C ARG C 14 8.06 17.06 25.85
N ILE C 15 6.95 16.96 26.58
CA ILE C 15 6.90 16.15 27.78
C ILE C 15 5.99 14.90 27.62
N ALA C 16 5.48 14.69 26.41
CA ALA C 16 4.60 13.56 26.12
C ALA C 16 5.28 12.20 26.36
N SER C 17 6.54 12.09 25.97
CA SER C 17 7.30 10.85 26.12
C SER C 17 7.72 10.56 27.58
N HIS C 18 7.38 11.49 28.49
CA HIS C 18 7.66 11.36 29.94
C HIS C 18 6.41 11.42 30.82
N SER C 19 5.23 11.22 30.23
CA SER C 19 3.96 11.34 30.96
C SER C 19 3.76 10.32 32.10
N HIS C 20 4.57 9.27 32.11
CA HIS C 20 4.61 8.29 33.20
C HIS C 20 5.45 8.72 34.42
N VAL C 21 6.24 9.79 34.31
CA VAL C 21 7.23 10.10 35.33
C VAL C 21 6.52 10.92 36.40
N LYS C 22 6.38 10.34 37.60
CA LYS C 22 5.65 10.95 38.71
C LYS C 22 6.54 11.43 39.84
N GLY C 23 7.83 11.15 39.77
CA GLY C 23 8.79 11.53 40.82
C GLY C 23 10.02 10.68 40.68
N LEU C 24 10.89 10.69 41.69
CA LEU C 24 12.17 9.99 41.61
C LEU C 24 12.13 8.56 42.16
N GLY C 25 11.05 8.17 42.85
CA GLY C 25 10.96 6.83 43.39
C GLY C 25 11.95 6.50 44.48
N LEU C 26 12.25 7.48 45.33
CA LEU C 26 13.18 7.25 46.42
C LEU C 26 12.41 6.76 47.65
N ASP C 27 12.99 5.82 48.39
CA ASP C 27 12.44 5.50 49.72
C ASP C 27 12.81 6.61 50.70
N GLU C 28 12.41 6.45 51.97
CA GLU C 28 12.54 7.53 52.93
C GLU C 28 13.99 7.83 53.36
N SER C 29 14.88 6.84 53.23
CA SER C 29 16.33 7.08 53.40
C SER C 29 16.94 7.83 52.18
N GLY C 30 16.11 8.20 51.21
CA GLY C 30 16.59 8.83 49.98
C GLY C 30 17.17 7.81 49.02
N LEU C 31 16.96 6.52 49.29
CA LEU C 31 17.56 5.46 48.47
C LEU C 31 16.64 5.09 47.30
N ALA C 32 17.22 4.78 46.14
CA ALA C 32 16.43 4.53 44.94
C ALA C 32 15.81 3.13 44.94
N LYS C 33 14.47 3.07 44.90
CA LYS C 33 13.73 1.83 44.58
C LYS C 33 13.98 1.43 43.12
N GLN C 34 14.12 0.14 42.83
CA GLN C 34 14.51 -0.27 41.47
C GLN C 34 13.54 0.24 40.41
N ALA C 35 12.25 0.36 40.78
CA ALA C 35 11.21 0.83 39.89
C ALA C 35 10.08 1.47 40.70
N ALA C 36 9.98 2.80 40.66
CA ALA C 36 8.91 3.51 41.38
C ALA C 36 8.63 4.87 40.77
N SER C 37 7.41 5.38 40.95
CA SER C 37 6.99 6.64 40.36
C SER C 37 7.25 6.79 38.82
N GLY C 38 7.24 5.67 38.09
CA GLY C 38 7.53 5.67 36.66
C GLY C 38 8.97 5.39 36.24
N LEU C 39 9.92 5.58 37.15
CA LEU C 39 11.34 5.38 36.85
C LEU C 39 11.84 3.96 37.07
N VAL C 40 12.81 3.55 36.26
CA VAL C 40 13.44 2.22 36.36
C VAL C 40 14.96 2.35 36.35
N GLY C 41 15.64 1.58 37.20
CA GLY C 41 17.10 1.61 37.26
C GLY C 41 17.64 3.02 37.50
N GLN C 42 18.79 3.33 36.90
CA GLN C 42 19.41 4.67 37.01
C GLN C 42 19.52 5.13 38.47
N GLU C 43 19.84 4.19 39.36
CA GLU C 43 19.62 4.37 40.79
C GLU C 43 20.49 5.45 41.39
N ASN C 44 21.77 5.43 41.01
CA ASN C 44 22.71 6.40 41.53
C ASN C 44 22.37 7.83 41.19
N ALA C 45 21.92 8.04 39.94
CA ALA C 45 21.56 9.36 39.47
C ALA C 45 20.30 9.84 40.14
N ARG C 46 19.33 8.97 40.31
CA ARG C 46 18.06 9.33 40.96
C ARG C 46 18.28 9.66 42.42
N GLU C 47 19.21 8.96 43.06
CA GLU C 47 19.63 9.28 44.42
C GLU C 47 20.37 10.64 44.47
N ALA C 48 21.17 10.94 43.45
CA ALA C 48 21.81 12.26 43.34
C ALA C 48 20.76 13.34 43.13
N CYS C 49 19.76 13.05 42.31
CA CYS C 49 18.68 14.03 42.06
C CYS C 49 17.86 14.28 43.31
N GLY C 50 17.68 13.23 44.12
CA GLY C 50 17.08 13.35 45.46
C GLY C 50 17.77 14.33 46.39
N VAL C 51 19.11 14.27 46.44
CA VAL C 51 19.88 15.28 47.17
C VAL C 51 19.63 16.69 46.62
N ILE C 52 19.52 16.82 45.29
CA ILE C 52 19.24 18.13 44.68
C ILE C 52 17.89 18.67 45.13
N VAL C 53 16.88 17.81 45.09
CA VAL C 53 15.53 18.16 45.54
C VAL C 53 15.55 18.69 46.98
N GLU C 54 16.28 18.02 47.87
CA GLU C 54 16.38 18.49 49.24
C GLU C 54 17.10 19.84 49.30
N LEU C 55 18.21 20.01 48.58
CA LEU C 55 18.87 21.33 48.53
C LEU C 55 17.93 22.42 48.03
N ILE C 56 17.13 22.13 47.02
CA ILE C 56 16.15 23.11 46.50
C ILE C 56 15.14 23.44 47.58
N LYS C 57 14.51 22.39 48.13
CA LYS C 57 13.49 22.52 49.16
C LYS C 57 13.93 23.36 50.35
N SER C 58 15.20 23.23 50.72
CA SER C 58 15.74 23.90 51.89
C SER C 58 16.52 25.18 51.56
N LYS C 59 16.38 25.67 50.32
CA LYS C 59 16.95 26.96 49.89
C LYS C 59 18.48 26.99 50.00
N LYS C 60 19.14 25.92 49.57
CA LYS C 60 20.60 25.82 49.63
C LYS C 60 21.22 25.68 48.24
N MET C 61 20.51 26.13 47.21
CA MET C 61 21.00 26.05 45.83
C MET C 61 21.34 27.42 45.26
N ALA C 62 21.45 28.44 46.12
CA ALA C 62 21.78 29.78 45.64
C ALA C 62 23.08 29.68 44.87
N GLY C 63 23.08 30.14 43.63
CA GLY C 63 24.31 30.22 42.85
C GLY C 63 24.82 28.89 42.31
N ARG C 64 24.05 27.82 42.49
CA ARG C 64 24.39 26.53 41.89
C ARG C 64 23.43 26.14 40.77
N ALA C 65 23.91 25.26 39.90
CA ALA C 65 23.12 24.66 38.84
C ALA C 65 23.40 23.17 38.83
N VAL C 66 22.73 22.43 37.95
CA VAL C 66 22.92 21.00 37.86
C VAL C 66 23.28 20.66 36.46
N LEU C 67 24.09 19.62 36.30
CA LEU C 67 24.38 19.08 34.98
C LEU C 67 24.19 17.58 34.98
N LEU C 68 23.27 17.13 34.16
CA LEU C 68 23.14 15.73 33.82
C LEU C 68 24.00 15.37 32.60
N ALA C 69 24.93 14.45 32.81
CA ALA C 69 25.90 14.12 31.80
C ALA C 69 25.86 12.60 31.51
N GLY C 70 25.48 12.26 30.30
CA GLY C 70 25.39 10.90 29.90
C GLY C 70 24.93 10.76 28.47
N PRO C 71 25.03 9.54 27.91
CA PRO C 71 24.72 9.34 26.51
C PRO C 71 23.26 9.54 26.17
N PRO C 72 22.95 9.65 24.87
CA PRO C 72 21.56 9.84 24.47
C PRO C 72 20.68 8.69 24.96
N GLY C 73 19.46 9.00 25.35
CA GLY C 73 18.52 7.95 25.77
C GLY C 73 18.86 7.31 27.10
N THR C 74 19.30 8.13 28.05
CA THR C 74 19.62 7.65 29.40
C THR C 74 18.86 8.42 30.48
N GLY C 75 17.75 9.05 30.11
CA GLY C 75 16.85 9.59 31.11
C GLY C 75 17.29 10.90 31.72
N LYS C 76 18.10 11.65 30.99
CA LYS C 76 18.47 12.98 31.39
C LYS C 76 17.28 13.87 31.53
N THR C 77 16.42 13.90 30.52
CA THR C 77 15.19 14.70 30.56
C THR C 77 14.14 14.20 31.58
N ALA C 78 13.89 12.89 31.60
CA ALA C 78 13.02 12.27 32.61
C ALA C 78 13.40 12.65 34.03
N LEU C 79 14.69 12.58 34.33
CA LEU C 79 15.21 12.88 35.66
C LEU C 79 15.02 14.31 36.05
N ALA C 80 15.17 15.21 35.08
CA ALA C 80 14.99 16.65 35.32
C ALA C 80 13.52 16.97 35.55
N LEU C 81 12.65 16.24 34.86
CA LEU C 81 11.22 16.40 35.00
C LEU C 81 10.73 15.71 36.28
N ALA C 82 11.36 14.58 36.62
CA ALA C 82 11.18 13.91 37.92
C ALA C 82 11.52 14.81 39.12
N ILE C 83 12.52 15.68 38.97
CA ILE C 83 12.88 16.63 40.03
C ILE C 83 11.77 17.66 40.22
N ALA C 84 11.19 18.13 39.12
CA ALA C 84 10.12 19.11 39.19
C ALA C 84 8.84 18.51 39.77
N GLN C 85 8.58 17.25 39.41
CA GLN C 85 7.50 16.47 39.99
C GLN C 85 7.65 16.35 41.51
N GLU C 86 8.84 16.00 41.97
CA GLU C 86 9.16 15.97 43.41
C GLU C 86 9.04 17.30 44.16
N LEU C 87 9.25 18.43 43.47
CA LEU C 87 8.92 19.73 44.07
C LEU C 87 7.41 19.94 44.09
N GLY C 88 6.71 19.36 43.10
CA GLY C 88 5.24 19.28 43.13
C GLY C 88 4.71 19.25 41.72
N SER C 89 3.54 18.61 41.52
CA SER C 89 2.94 18.52 40.20
C SER C 89 2.61 19.91 39.63
N LYS C 90 2.43 20.87 40.52
CA LYS C 90 2.23 22.28 40.16
C LYS C 90 3.47 23.01 39.61
N VAL C 91 4.66 22.51 39.92
CA VAL C 91 5.89 23.29 39.73
C VAL C 91 6.25 23.32 38.25
N PRO C 92 6.46 24.52 37.68
CA PRO C 92 6.79 24.60 36.28
C PRO C 92 8.05 23.85 35.87
N PHE C 93 7.92 23.09 34.80
CA PHE C 93 9.03 22.45 34.14
C PHE C 93 9.06 22.97 32.72
N CYS C 94 10.17 23.62 32.37
CA CYS C 94 10.36 24.16 31.03
C CYS C 94 11.60 23.51 30.39
N PRO C 95 11.39 22.62 29.43
CA PRO C 95 12.51 22.02 28.73
C PRO C 95 12.91 22.76 27.46
N MET C 96 14.20 22.88 27.23
CA MET C 96 14.66 23.52 26.02
C MET C 96 15.93 22.86 25.53
N VAL C 97 16.21 23.07 24.25
CA VAL C 97 17.49 22.69 23.68
C VAL C 97 18.31 23.98 23.48
N GLY C 98 19.60 23.92 23.79
CA GLY C 98 20.47 25.06 23.66
C GLY C 98 20.50 25.68 22.30
N SER C 99 20.34 24.88 21.24
CA SER C 99 20.30 25.39 19.88
C SER C 99 19.14 26.37 19.58
N GLU C 100 18.09 26.36 20.41
CA GLU C 100 16.94 27.26 20.17
C GLU C 100 17.16 28.74 20.55
N VAL C 101 18.30 29.07 21.16
CA VAL C 101 18.64 30.48 21.39
C VAL C 101 19.00 31.17 20.09
N TYR C 102 19.35 30.38 19.08
CA TYR C 102 19.69 30.88 17.74
C TYR C 102 18.46 30.96 16.84
N SER C 103 17.98 32.19 16.69
CA SER C 103 16.82 32.49 15.90
C SER C 103 17.12 33.70 15.06
N THR C 104 16.58 33.69 13.86
CA THR C 104 16.73 34.77 12.91
C THR C 104 16.09 36.07 13.43
N GLU C 105 15.00 35.90 14.20
CA GLU C 105 14.06 36.97 14.53
C GLU C 105 14.18 37.51 15.95
N ILE C 106 14.54 36.65 16.90
CA ILE C 106 14.54 36.97 18.34
C ILE C 106 15.98 36.90 18.88
N LYS C 107 16.30 37.74 19.88
CA LYS C 107 17.65 37.74 20.48
C LYS C 107 17.88 36.55 21.42
N LYS C 108 19.14 36.10 21.51
CA LYS C 108 19.48 34.94 22.34
C LYS C 108 18.96 35.11 23.78
N THR C 109 19.21 36.26 24.36
CA THR C 109 18.85 36.45 25.75
C THR C 109 17.34 36.58 25.93
N GLU C 110 16.64 36.99 24.88
CA GLU C 110 15.16 37.03 24.88
C GLU C 110 14.54 35.61 24.86
N VAL C 111 15.18 34.69 24.17
CA VAL C 111 14.77 33.30 24.18
C VAL C 111 14.97 32.71 25.60
N LEU C 112 16.09 33.06 26.20
CA LEU C 112 16.37 32.68 27.57
C LEU C 112 15.42 33.36 28.58
N MET C 113 15.17 34.65 28.46
CA MET C 113 14.21 35.28 29.37
C MET C 113 12.84 34.62 29.27
N GLU C 114 12.35 34.40 28.04
CA GLU C 114 11.05 33.75 27.84
C GLU C 114 10.99 32.40 28.54
N ASN C 115 12.06 31.63 28.42
CA ASN C 115 12.11 30.32 29.04
C ASN C 115 12.21 30.41 30.56
N PHE C 116 12.95 31.37 31.08
CA PHE C 116 12.97 31.62 32.51
C PHE C 116 11.57 31.90 33.04
N ARG C 117 10.81 32.67 32.28
CA ARG C 117 9.46 32.99 32.63
C ARG C 117 8.49 31.80 32.62
N ARG C 118 8.68 30.88 31.69
CA ARG C 118 7.94 29.63 31.65
C ARG C 118 8.21 28.75 32.87
N ALA C 119 9.37 28.96 33.48
CA ALA C 119 9.87 28.17 34.59
C ALA C 119 9.61 28.84 35.94
N ILE C 120 8.86 29.95 35.95
CA ILE C 120 8.49 30.61 37.19
C ILE C 120 6.96 30.68 37.29
N GLY C 121 6.42 30.00 38.31
CA GLY C 121 5.01 29.85 38.52
C GLY C 121 4.47 30.93 39.43
N LEU C 122 3.19 31.18 39.29
CA LEU C 122 2.50 32.07 40.20
C LEU C 122 1.25 31.34 40.69
N ARG C 123 1.06 31.30 42.02
CA ARG C 123 -0.17 30.81 42.64
C ARG C 123 -0.99 32.00 43.10
N ILE C 124 -2.14 32.22 42.47
CA ILE C 124 -2.97 33.41 42.72
C ILE C 124 -4.31 33.00 43.35
N LYS C 125 -4.68 33.70 44.42
CA LYS C 125 -5.92 33.45 45.15
C LYS C 125 -7.11 34.18 44.51
N GLU C 126 -8.04 33.43 43.91
CA GLU C 126 -9.27 33.99 43.32
C GLU C 126 -10.48 33.51 44.13
N THR C 127 -11.19 34.46 44.74
CA THR C 127 -12.44 34.15 45.43
C THR C 127 -13.60 34.16 44.43
N LYS C 128 -14.08 32.98 44.06
CA LYS C 128 -15.24 32.86 43.16
C LYS C 128 -16.52 32.54 43.94
N LYS C 231 -15.89 30.25 46.27
CA LYS C 231 -15.01 30.37 47.43
C LYS C 231 -13.61 30.80 47.00
N LYS C 232 -12.68 30.85 47.95
CA LYS C 232 -11.28 31.22 47.66
C LYS C 232 -10.48 30.00 47.15
N GLU C 233 -10.26 29.96 45.84
CA GLU C 233 -9.46 28.89 45.20
C GLU C 233 -8.08 29.42 44.76
N ILE C 234 -7.24 28.53 44.25
CA ILE C 234 -5.89 28.88 43.77
C ILE C 234 -5.70 28.56 42.28
N ILE C 235 -5.51 29.59 41.46
CA ILE C 235 -5.15 29.39 40.06
C ILE C 235 -3.61 29.41 39.93
N GLN C 236 -3.08 28.39 39.27
CA GLN C 236 -1.66 28.29 38.99
C GLN C 236 -1.44 28.71 37.53
N ASP C 237 -0.58 29.69 37.29
CA ASP C 237 -0.04 29.90 35.95
C ASP C 237 1.46 30.20 36.01
N VAL C 238 2.09 30.44 34.86
CA VAL C 238 3.51 30.77 34.79
C VAL C 238 3.58 32.23 34.41
N THR C 239 4.73 32.86 34.56
CA THR C 239 4.80 34.28 34.20
C THR C 239 4.66 34.47 32.68
N LEU C 240 5.13 33.51 31.86
CA LEU C 240 4.89 33.62 30.41
C LEU C 240 3.42 33.41 30.03
N HIS C 241 2.64 32.75 30.88
CA HIS C 241 1.20 32.64 30.62
C HIS C 241 0.66 34.06 30.63
N ASP C 242 0.95 34.77 31.71
CA ASP C 242 0.56 36.18 31.86
C ASP C 242 1.01 37.03 30.66
N LEU C 243 2.18 36.75 30.10
CA LEU C 243 2.64 37.46 28.91
C LEU C 243 1.78 37.15 27.68
N ASP C 244 1.73 35.88 27.29
CA ASP C 244 0.95 35.48 26.10
C ASP C 244 -0.56 35.63 26.29
N VAL C 245 -1.00 36.24 27.38
CA VAL C 245 -2.39 36.67 27.53
C VAL C 245 -2.49 38.20 27.49
N ALA C 246 -1.55 38.88 28.12
CA ALA C 246 -1.53 40.35 28.15
C ALA C 246 -0.44 40.89 27.23
N GLY C 277 7.18 43.35 32.60
CA GLY C 277 7.44 44.78 32.80
C GLY C 277 6.36 45.48 33.62
N GLU C 278 5.19 45.65 33.01
CA GLU C 278 4.01 46.16 33.70
C GLU C 278 3.36 44.99 34.42
N ILE C 279 3.38 43.83 33.77
CA ILE C 279 2.91 42.59 34.37
C ILE C 279 3.68 42.32 35.66
N ASN C 280 4.98 42.62 35.66
CA ASN C 280 5.80 42.51 36.87
C ASN C 280 5.35 43.39 38.05
N LYS C 281 4.80 44.56 37.73
CA LYS C 281 4.34 45.50 38.74
C LYS C 281 3.05 45.03 39.39
N VAL C 282 2.25 44.28 38.64
CA VAL C 282 1.00 43.73 39.13
C VAL C 282 1.30 42.53 40.01
N VAL C 283 2.23 41.70 39.56
CA VAL C 283 2.58 40.49 40.27
C VAL C 283 3.21 40.87 41.62
N ASN C 284 4.17 41.80 41.58
CA ASN C 284 4.79 42.28 42.82
C ASN C 284 3.76 42.87 43.76
N LYS C 285 2.83 43.66 43.22
CA LYS C 285 1.77 44.29 44.03
C LYS C 285 0.77 43.26 44.58
N TYR C 286 0.57 42.16 43.84
CA TYR C 286 -0.30 41.06 44.28
C TYR C 286 0.39 40.23 45.37
N ILE C 287 1.70 40.09 45.30
CA ILE C 287 2.44 39.31 46.28
C ILE C 287 2.38 40.01 47.64
N ASP C 288 2.57 41.32 47.63
CA ASP C 288 2.60 42.11 48.86
C ASP C 288 1.23 42.20 49.55
N GLN C 289 0.15 41.94 48.80
CA GLN C 289 -1.19 41.90 49.37
C GLN C 289 -1.54 40.51 49.94
N GLY C 290 -0.65 39.53 49.73
CA GLY C 290 -0.89 38.15 50.16
C GLY C 290 -1.80 37.34 49.24
N ILE C 291 -2.15 37.91 48.07
CA ILE C 291 -3.02 37.22 47.11
C ILE C 291 -2.23 36.44 46.06
N ALA C 292 -0.91 36.61 46.03
CA ALA C 292 -0.06 35.86 45.10
C ALA C 292 1.17 35.27 45.77
N GLU C 293 1.80 34.31 45.08
CA GLU C 293 2.92 33.54 45.63
C GLU C 293 3.78 32.94 44.51
N LEU C 294 5.04 33.31 44.49
CA LEU C 294 5.93 32.93 43.40
C LEU C 294 6.40 31.49 43.58
N VAL C 295 6.54 30.77 42.47
CA VAL C 295 6.89 29.36 42.51
C VAL C 295 7.97 29.09 41.47
N PRO C 296 9.24 29.28 41.86
CA PRO C 296 10.35 28.96 41.00
C PRO C 296 10.32 27.50 40.58
N GLY C 297 10.58 27.24 39.30
CA GLY C 297 10.47 25.88 38.79
C GLY C 297 11.81 25.33 38.37
N VAL C 298 11.77 24.56 37.29
CA VAL C 298 12.95 23.98 36.70
C VAL C 298 13.03 24.33 35.24
N LEU C 299 14.22 24.78 34.83
CA LEU C 299 14.54 25.05 33.46
C LEU C 299 15.57 23.99 33.08
N PHE C 300 15.22 23.15 32.14
CA PHE C 300 16.11 22.12 31.66
C PHE C 300 16.70 22.60 30.31
N VAL C 301 18.02 22.72 30.26
CA VAL C 301 18.68 23.09 29.02
C VAL C 301 19.48 21.90 28.52
N ASP C 302 18.90 21.21 27.55
CA ASP C 302 19.55 20.13 26.85
C ASP C 302 20.54 20.69 25.81
N GLU C 303 21.48 19.88 25.34
CA GLU C 303 22.54 20.33 24.43
C GLU C 303 23.22 21.63 24.87
N VAL C 304 23.75 21.64 26.09
CA VAL C 304 24.32 22.86 26.67
C VAL C 304 25.51 23.40 25.83
N HIS C 305 26.18 22.51 25.10
CA HIS C 305 27.30 22.87 24.23
C HIS C 305 26.90 23.76 23.07
N MET C 306 25.61 23.81 22.74
CA MET C 306 25.10 24.73 21.72
C MET C 306 24.99 26.17 22.19
N LEU C 307 25.00 26.39 23.48
CA LEU C 307 25.05 27.75 24.04
C LEU C 307 26.41 28.37 23.86
N ASP C 308 26.44 29.66 23.62
CA ASP C 308 27.67 30.40 23.49
C ASP C 308 27.89 31.30 24.70
N ILE C 309 29.03 31.96 24.70
CA ILE C 309 29.49 32.79 25.81
C ILE C 309 28.48 33.82 26.28
N GLU C 310 27.84 34.48 25.33
CA GLU C 310 26.78 35.42 25.65
C GLU C 310 25.62 34.78 26.44
N CYS C 311 25.27 33.55 26.08
CA CYS C 311 24.22 32.83 26.75
C CYS C 311 24.62 32.47 28.17
N PHE C 312 25.81 31.91 28.32
CA PHE C 312 26.36 31.57 29.65
C PHE C 312 26.49 32.74 30.57
N THR C 313 26.97 33.87 30.10
CA THR C 313 27.10 34.96 31.03
C THR C 313 25.71 35.45 31.44
N TYR C 314 24.75 35.45 30.52
CA TYR C 314 23.36 35.78 30.86
C TYR C 314 22.78 34.83 31.91
N LEU C 315 23.01 33.54 31.74
CA LEU C 315 22.48 32.50 32.62
C LEU C 315 23.10 32.56 34.00
N HIS C 316 24.38 32.93 34.04
CA HIS C 316 25.11 33.06 35.28
C HIS C 316 24.44 34.14 36.13
N ARG C 317 24.19 35.30 35.54
CA ARG C 317 23.51 36.36 36.25
C ARG C 317 22.13 35.91 36.78
N ALA C 318 21.37 35.24 35.93
CA ALA C 318 20.03 34.83 36.28
C ALA C 318 19.93 33.81 37.41
N LEU C 319 20.86 32.86 37.48
CA LEU C 319 20.80 31.81 38.50
C LEU C 319 21.23 32.31 39.88
N GLU C 320 22.05 33.36 39.91
CA GLU C 320 22.37 34.06 41.15
C GLU C 320 21.15 34.79 41.77
N SER C 321 20.04 34.91 41.04
CA SER C 321 18.80 35.48 41.59
C SER C 321 18.18 34.55 42.65
N SER C 322 17.45 35.16 43.58
CA SER C 322 16.86 34.44 44.70
C SER C 322 15.61 33.64 44.27
N ILE C 323 14.82 34.23 43.37
CA ILE C 323 13.55 33.66 42.94
C ILE C 323 13.64 32.93 41.60
N ALA C 324 14.86 32.77 41.07
CA ALA C 324 15.00 32.15 39.75
C ALA C 324 14.73 30.66 39.85
N PRO C 325 14.35 30.06 38.71
CA PRO C 325 14.21 28.62 38.64
C PRO C 325 15.58 27.98 38.76
N ILE C 326 15.60 26.71 39.13
CA ILE C 326 16.82 25.96 39.05
C ILE C 326 17.09 25.61 37.61
N VAL C 327 18.34 25.82 37.18
CA VAL C 327 18.78 25.43 35.85
C VAL C 327 19.44 24.07 35.94
N ILE C 328 18.99 23.16 35.08
CA ILE C 328 19.58 21.85 34.96
C ILE C 328 20.00 21.71 33.50
N PHE C 329 21.29 21.58 33.29
CA PHE C 329 21.87 21.38 31.99
C PHE C 329 21.90 19.90 31.68
N ALA C 330 21.98 19.60 30.41
CA ALA C 330 22.25 18.24 29.97
C ALA C 330 23.29 18.19 28.83
N SER C 331 24.14 17.18 28.88
CA SER C 331 25.21 17.02 27.90
C SER C 331 25.50 15.57 27.68
N ASN C 332 25.73 15.23 26.42
CA ASN C 332 26.15 13.92 26.01
C ASN C 332 27.56 13.96 25.43
N ARG C 333 28.28 15.07 25.62
CA ARG C 333 29.70 15.17 25.19
C ARG C 333 30.72 15.32 26.31
N GLY C 334 31.98 15.11 25.95
CA GLY C 334 33.11 15.30 26.85
C GLY C 334 33.58 16.74 26.73
N ASN C 335 34.86 16.91 26.42
CA ASN C 335 35.41 18.24 26.14
C ASN C 335 34.94 18.85 24.84
N CYS C 336 34.60 20.14 24.85
CA CYS C 336 34.29 20.92 23.65
C CYS C 336 34.86 22.33 23.69
N VAL C 337 35.17 22.88 22.52
CA VAL C 337 35.40 24.31 22.41
C VAL C 337 34.15 25.04 22.89
N ILE C 338 34.34 26.03 23.74
CA ILE C 338 33.24 26.85 24.18
C ILE C 338 32.82 27.69 22.98
N ARG C 339 31.54 27.66 22.64
CA ARG C 339 31.06 28.39 21.48
C ARG C 339 31.18 29.86 21.73
N GLY C 340 31.60 30.57 20.68
CA GLY C 340 31.96 31.97 20.76
C GLY C 340 33.44 32.23 20.99
N THR C 341 34.16 31.29 21.62
CA THR C 341 35.57 31.49 21.97
C THR C 341 36.52 31.04 20.87
N GLU C 342 36.10 30.10 20.04
CA GLU C 342 36.93 29.60 18.93
C GLU C 342 38.13 28.73 19.35
N ASP C 343 38.70 29.00 20.52
CA ASP C 343 39.87 28.27 20.96
C ASP C 343 39.83 27.68 22.37
N ILE C 344 38.89 28.07 23.21
CA ILE C 344 38.86 27.64 24.61
C ILE C 344 38.07 26.34 24.78
N THR C 345 38.77 25.24 25.08
CA THR C 345 38.15 23.94 25.35
C THR C 345 37.83 23.75 26.84
N SER C 346 36.68 23.16 27.13
CA SER C 346 36.26 22.94 28.51
C SER C 346 35.27 21.81 28.53
N PRO C 347 35.20 21.07 29.65
CA PRO C 347 34.21 20.00 29.73
C PRO C 347 32.78 20.39 29.38
N HIS C 348 32.16 19.65 28.46
CA HIS C 348 30.77 19.89 28.08
C HIS C 348 30.55 21.26 27.38
N GLY C 349 31.64 21.92 27.00
CA GLY C 349 31.59 23.24 26.39
C GLY C 349 31.05 24.33 27.28
N ILE C 350 31.14 24.12 28.59
CA ILE C 350 30.65 25.09 29.58
C ILE C 350 31.86 25.78 30.16
N PRO C 351 31.83 27.12 30.31
CA PRO C 351 32.99 27.81 30.92
C PRO C 351 33.22 27.44 32.37
N LEU C 352 34.47 27.52 32.78
CA LEU C 352 34.91 27.13 34.11
C LEU C 352 34.20 27.88 35.22
N ASP C 353 34.06 29.19 35.08
CA ASP C 353 33.46 29.98 36.16
C ASP C 353 32.03 29.53 36.43
N LEU C 354 31.43 28.89 35.45
CA LEU C 354 30.14 28.28 35.64
C LEU C 354 30.25 26.81 36.04
N LEU C 355 31.19 26.06 35.47
CA LEU C 355 31.35 24.63 35.81
C LEU C 355 31.65 24.47 37.27
N ASP C 356 32.36 25.45 37.83
CA ASP C 356 32.60 25.53 39.27
C ASP C 356 31.35 25.46 40.17
N ARG C 357 30.19 25.91 39.68
CA ARG C 357 28.96 26.00 40.46
C ARG C 357 27.90 24.98 40.05
N VAL C 358 28.30 24.05 39.20
CA VAL C 358 27.42 23.07 38.63
C VAL C 358 27.65 21.78 39.38
N MET C 359 26.57 21.17 39.86
CA MET C 359 26.63 19.84 40.45
C MET C 359 26.40 18.84 39.32
N ILE C 360 27.35 17.94 39.09
CA ILE C 360 27.33 17.03 37.97
C ILE C 360 26.86 15.64 38.36
N ILE C 361 25.83 15.18 37.67
CA ILE C 361 25.26 13.86 37.85
C ILE C 361 25.45 13.10 36.55
N ARG C 362 25.88 11.86 36.70
CA ARG C 362 26.08 10.93 35.62
C ARG C 362 24.86 9.97 35.39
N THR C 363 24.36 9.93 34.17
CA THR C 363 23.38 8.92 33.74
C THR C 363 24.13 7.88 32.92
N MET C 364 23.73 6.62 33.06
CA MET C 364 24.36 5.53 32.31
C MET C 364 23.36 4.76 31.46
N LEU C 365 23.89 3.97 30.54
CA LEU C 365 23.10 3.17 29.61
C LEU C 365 22.42 2.04 30.36
N TYR C 366 21.26 1.64 29.85
CA TYR C 366 20.44 0.62 30.51
C TYR C 366 20.75 -0.77 30.04
N THR C 367 20.56 -1.73 30.93
CA THR C 367 20.58 -3.15 30.57
C THR C 367 19.34 -3.53 29.78
N PRO C 368 19.41 -4.65 29.04
CA PRO C 368 18.23 -5.26 28.39
C PRO C 368 16.98 -5.38 29.29
N GLN C 369 17.16 -5.88 30.52
CA GLN C 369 16.04 -5.98 31.47
C GLN C 369 15.38 -4.61 31.74
N GLU C 370 16.21 -3.61 32.10
CA GLU C 370 15.75 -2.22 32.38
C GLU C 370 15.04 -1.57 31.20
N MET C 371 15.54 -1.83 30.00
CA MET C 371 14.94 -1.25 28.81
C MET C 371 13.62 -1.87 28.41
N LYS C 372 13.52 -3.18 28.50
CA LYS C 372 12.20 -3.84 28.36
C LYS C 372 11.22 -3.26 29.37
N GLN C 373 11.69 -3.11 30.62
CA GLN C 373 10.90 -2.51 31.68
C GLN C 373 10.40 -1.11 31.38
N ILE C 374 11.24 -0.29 30.76
CA ILE C 374 10.87 1.09 30.43
C ILE C 374 9.91 1.16 29.24
N ILE C 375 10.17 0.36 28.21
CA ILE C 375 9.28 0.22 27.05
C ILE C 375 7.86 -0.31 27.45
N LYS C 376 7.82 -1.22 28.41
CA LYS C 376 6.54 -1.75 28.90
C LYS C 376 5.72 -0.64 29.57
N ILE C 377 6.35 0.10 30.49
CA ILE C 377 5.72 1.25 31.13
C ILE C 377 5.21 2.27 30.09
N ARG C 378 5.99 2.48 29.03
CA ARG C 378 5.60 3.38 27.94
C ARG C 378 4.39 2.87 27.18
N ALA C 379 4.39 1.57 26.88
CA ALA C 379 3.25 0.92 26.25
C ALA C 379 1.99 1.03 27.13
N GLN C 380 2.11 0.65 28.40
CA GLN C 380 1.01 0.69 29.35
C GLN C 380 0.38 2.07 29.48
N THR C 381 1.25 3.08 29.59
CA THR C 381 0.85 4.48 29.64
C THR C 381 0.05 4.91 28.39
N GLU C 382 0.42 4.38 27.23
CA GLU C 382 -0.27 4.69 25.97
C GLU C 382 -1.42 3.73 25.61
N GLY C 383 -1.74 2.79 26.50
CA GLY C 383 -2.84 1.84 26.30
C GLY C 383 -2.52 0.85 25.19
N ILE C 384 -1.25 0.51 25.05
CA ILE C 384 -0.79 -0.31 23.96
C ILE C 384 -0.41 -1.66 24.52
N ASN C 385 -1.18 -2.69 24.16
CA ASN C 385 -0.81 -4.06 24.49
C ASN C 385 0.34 -4.48 23.59
N ILE C 386 1.33 -5.13 24.18
CA ILE C 386 2.46 -5.72 23.46
C ILE C 386 2.75 -7.08 24.13
N SER C 387 3.17 -8.04 23.31
CA SER C 387 3.52 -9.37 23.80
C SER C 387 4.97 -9.36 24.24
N GLU C 388 5.37 -10.38 24.98
CA GLU C 388 6.69 -10.41 25.60
C GLU C 388 7.80 -10.67 24.57
N GLU C 389 7.52 -11.51 23.58
CA GLU C 389 8.50 -11.77 22.53
C GLU C 389 8.82 -10.47 21.78
N ALA C 390 7.79 -9.63 21.58
CA ALA C 390 7.91 -8.34 20.89
C ALA C 390 8.68 -7.35 21.74
N LEU C 391 8.25 -7.23 23.00
CA LEU C 391 8.94 -6.39 23.98
C LEU C 391 10.44 -6.72 24.06
N ASN C 392 10.75 -8.01 23.96
CA ASN C 392 12.13 -8.46 23.98
C ASN C 392 12.92 -8.04 22.76
N HIS C 393 12.31 -8.20 21.58
CA HIS C 393 12.93 -7.76 20.34
C HIS C 393 13.12 -6.24 20.39
N LEU C 394 12.13 -5.52 20.89
CA LEU C 394 12.24 -4.07 21.07
C LEU C 394 13.40 -3.70 21.97
N GLY C 395 13.52 -4.39 23.10
CA GLY C 395 14.64 -4.24 24.00
C GLY C 395 15.95 -4.47 23.29
N GLU C 396 16.01 -5.52 22.48
CA GLU C 396 17.20 -5.81 21.69
C GLU C 396 17.57 -4.59 20.84
N ILE C 397 16.58 -4.00 20.16
CA ILE C 397 16.81 -2.87 19.23
C ILE C 397 17.32 -1.63 19.94
N GLY C 398 16.75 -1.33 21.11
CA GLY C 398 17.18 -0.17 21.91
C GLY C 398 18.58 -0.31 22.48
N THR C 399 19.06 -1.55 22.59
CA THR C 399 20.47 -1.83 22.93
C THR C 399 21.39 -1.57 21.72
N LYS C 400 20.92 -1.93 20.52
CA LYS C 400 21.62 -1.66 19.26
C LYS C 400 21.61 -0.19 18.86
N THR C 401 20.52 0.49 19.20
CA THR C 401 20.34 1.89 18.84
C THR C 401 20.32 2.78 20.10
N THR C 402 19.15 3.31 20.48
CA THR C 402 18.94 3.91 21.82
C THR C 402 17.55 3.58 22.35
N LEU C 403 17.30 3.91 23.61
CA LEU C 403 15.99 3.69 24.22
C LEU C 403 14.96 4.55 23.53
N ARG C 404 15.39 5.74 23.11
CA ARG C 404 14.51 6.68 22.45
C ARG C 404 14.03 6.11 21.11
N TYR C 405 14.88 5.40 20.39
CA TYR C 405 14.50 4.81 19.12
C TYR C 405 13.47 3.63 19.29
N SER C 406 13.81 2.64 20.09
CA SER C 406 12.87 1.61 20.49
C SER C 406 11.49 2.11 20.89
N VAL C 407 11.46 3.04 21.83
CA VAL C 407 10.24 3.62 22.37
C VAL C 407 9.42 4.27 21.27
N GLN C 408 10.06 4.89 20.28
CA GLN C 408 9.32 5.57 19.22
C GLN C 408 8.76 4.55 18.21
N LEU C 409 9.20 3.30 18.23
CA LEU C 409 8.60 2.26 17.35
C LEU C 409 7.27 1.70 17.86
N LEU C 410 6.85 2.05 19.08
CA LEU C 410 5.67 1.40 19.68
C LEU C 410 4.40 1.77 18.95
N THR C 411 4.27 3.05 18.60
CA THR C 411 3.07 3.54 17.94
C THR C 411 2.90 3.07 16.48
N PRO C 412 3.92 3.26 15.63
CA PRO C 412 4.04 2.55 14.35
C PRO C 412 3.74 1.03 14.38
N ALA C 413 4.32 0.32 15.34
CA ALA C 413 4.08 -1.12 15.44
C ALA C 413 2.63 -1.38 15.78
N ASN C 414 2.06 -0.55 16.65
CA ASN C 414 0.68 -0.73 17.08
C ASN C 414 -0.28 -0.53 15.92
N LEU C 415 -0.01 0.44 15.07
CA LEU C 415 -0.80 0.64 13.88
C LEU C 415 -0.74 -0.55 12.91
N LEU C 416 0.42 -1.16 12.73
CA LEU C 416 0.50 -2.40 11.96
C LEU C 416 -0.34 -3.51 12.59
N ALA C 417 -0.23 -3.69 13.91
CA ALA C 417 -1.08 -4.66 14.61
C ALA C 417 -2.55 -4.43 14.31
N LYS C 418 -2.99 -3.18 14.51
CA LYS C 418 -4.37 -2.79 14.23
C LYS C 418 -4.77 -3.00 12.77
N ILE C 419 -3.81 -2.82 11.86
CA ILE C 419 -4.03 -3.00 10.42
C ILE C 419 -4.25 -4.47 10.09
N ASN C 420 -3.54 -5.35 10.78
CA ASN C 420 -3.76 -6.80 10.68
C ASN C 420 -4.82 -7.28 11.67
N GLY C 421 -5.67 -6.35 12.14
CA GLY C 421 -6.82 -6.67 12.98
C GLY C 421 -6.47 -7.33 14.30
N LYS C 422 -5.28 -7.04 14.82
CA LYS C 422 -4.79 -7.63 16.05
C LYS C 422 -4.76 -6.59 17.16
N ASP C 423 -5.16 -6.98 18.37
CA ASP C 423 -5.34 -6.05 19.50
C ASP C 423 -4.05 -5.87 20.30
N SER C 424 -2.98 -6.53 19.87
CA SER C 424 -1.72 -6.53 20.58
C SER C 424 -0.60 -6.46 19.56
N ILE C 425 0.50 -5.80 19.95
CA ILE C 425 1.72 -5.81 19.18
C ILE C 425 2.37 -7.16 19.41
N GLU C 426 2.73 -7.81 18.33
CA GLU C 426 3.40 -9.09 18.35
C GLU C 426 4.76 -8.94 17.69
N LYS C 427 5.60 -9.95 17.86
CA LYS C 427 6.97 -9.91 17.38
C LYS C 427 7.07 -9.66 15.88
N GLU C 428 6.08 -10.13 15.12
CA GLU C 428 6.09 -9.88 13.66
C GLU C 428 5.89 -8.39 13.30
N HIS C 429 5.08 -7.66 14.07
CA HIS C 429 4.84 -6.24 13.80
C HIS C 429 6.12 -5.41 14.08
N VAL C 430 6.84 -5.79 15.14
CA VAL C 430 8.11 -5.15 15.49
C VAL C 430 9.19 -5.42 14.43
N GLU C 431 9.22 -6.66 13.94
CA GLU C 431 10.20 -7.08 12.93
C GLU C 431 10.02 -6.32 11.63
N GLU C 432 8.78 -6.14 11.20
CA GLU C 432 8.56 -5.48 9.93
C GLU C 432 8.75 -3.95 10.03
N ILE C 433 8.30 -3.34 11.12
CA ILE C 433 8.52 -1.91 11.32
C ILE C 433 10.04 -1.63 11.43
N SER C 434 10.76 -2.51 12.11
CA SER C 434 12.21 -2.45 12.10
C SER C 434 12.81 -2.55 10.68
N GLU C 435 12.13 -3.24 9.78
CA GLU C 435 12.59 -3.41 8.41
C GLU C 435 12.23 -2.20 7.55
N LEU C 436 11.13 -1.52 7.88
CA LEU C 436 10.66 -0.38 7.09
C LEU C 436 11.35 0.96 7.42
N PHE C 437 11.83 1.09 8.66
CA PHE C 437 12.42 2.33 9.09
C PHE C 437 13.83 2.11 9.66
N TYR C 438 14.63 3.17 9.65
CA TYR C 438 16.05 3.13 10.05
C TYR C 438 16.30 4.11 11.17
N ASP C 439 17.28 3.80 12.01
CA ASP C 439 17.80 4.76 12.96
C ASP C 439 18.85 5.59 12.22
N ALA C 440 19.06 6.84 12.67
CA ALA C 440 19.91 7.80 11.96
C ALA C 440 21.31 7.31 11.73
N LYS C 441 21.87 6.57 12.69
CA LYS C 441 23.22 6.08 12.56
C LYS C 441 23.32 5.09 11.44
N SER C 442 22.35 4.19 11.34
CA SER C 442 22.29 3.26 10.22
C SER C 442 22.17 3.95 8.89
N SER C 443 21.21 4.88 8.75
CA SER C 443 21.00 5.55 7.46
C SER C 443 22.19 6.41 7.04
N ALA C 444 22.88 7.00 8.01
CA ALA C 444 24.09 7.80 7.72
C ALA C 444 25.22 6.92 7.20
N LYS C 445 25.40 5.78 7.83
CA LYS C 445 26.46 4.85 7.44
C LYS C 445 26.27 4.36 5.99
N ILE C 446 25.03 4.01 5.66
CA ILE C 446 24.67 3.55 4.32
C ILE C 446 25.01 4.60 3.26
N LEU C 447 24.60 5.83 3.49
CA LEU C 447 24.87 6.90 2.53
C LEU C 447 26.33 7.37 2.54
N ALA C 448 27.02 7.27 3.66
CA ALA C 448 28.45 7.58 3.69
C ALA C 448 29.14 6.73 2.62
N ASP C 449 28.74 5.45 2.56
CA ASP C 449 29.07 4.57 1.44
C ASP C 449 28.17 4.91 0.26
PB ADP D . -8.34 -43.98 -15.81
O1B ADP D . -9.40 -42.99 -16.09
O2B ADP D . -7.93 -44.84 -16.93
O3B ADP D . -8.53 -44.86 -14.57
PA ADP D . -6.91 -41.51 -15.21
O1A ADP D . -7.13 -40.61 -16.39
O2A ADP D . -7.81 -41.25 -14.06
O3A ADP D . -6.97 -43.10 -15.52
O5' ADP D . -5.35 -41.47 -14.81
C5' ADP D . -4.89 -41.47 -13.45
C4' ADP D . -4.13 -40.20 -13.08
O4' ADP D . -2.95 -40.18 -13.90
C3' ADP D . -4.84 -38.89 -13.36
O3' ADP D . -4.42 -37.87 -12.44
C2' ADP D . -4.40 -38.48 -14.77
O2' ADP D . -4.42 -37.06 -14.98
C1' ADP D . -3.05 -39.05 -14.84
N9 ADP D . -2.58 -39.63 -16.13
C8 ADP D . -2.87 -40.81 -16.66
N7 ADP D . -2.15 -41.02 -17.77
C5 ADP D . -1.36 -39.94 -17.91
C6 ADP D . -0.32 -39.50 -18.86
N6 ADP D . -0.03 -40.31 -19.91
N1 ADP D . 0.30 -38.33 -18.65
C2 ADP D . 0.01 -37.53 -17.62
N3 ADP D . -0.92 -37.85 -16.73
C4 ADP D . -1.61 -39.03 -16.83
PB ADP E . 15.23 12.07 -6.06
O1B ADP E . 14.30 13.05 -5.42
O2B ADP E . 15.60 10.88 -5.22
O3B ADP E . 16.41 12.60 -6.80
PA ADP E . 13.10 11.88 -8.08
O1A ADP E . 11.89 11.72 -7.22
O2A ADP E . 13.28 13.22 -8.65
O3A ADP E . 14.40 11.37 -7.28
O5' ADP E . 13.14 10.82 -9.25
C5' ADP E . 13.66 11.03 -10.56
C4' ADP E . 12.56 10.80 -11.62
O4' ADP E . 12.11 9.43 -11.62
C3' ADP E . 11.29 11.59 -11.47
O3' ADP E . 10.73 11.75 -12.79
C2' ADP E . 10.35 10.70 -10.68
O2' ADP E . 8.97 10.99 -10.94
C1' ADP E . 10.75 9.37 -11.23
N9 ADP E . 10.77 8.27 -10.27
C8 ADP E . 11.67 8.09 -9.27
N7 ADP E . 11.42 6.93 -8.67
C5 ADP E . 10.35 6.37 -9.24
C6 ADP E . 9.57 5.10 -9.07
N6 ADP E . 9.89 4.22 -8.09
N1 ADP E . 8.57 4.87 -9.92
C2 ADP E . 8.23 5.72 -10.89
N3 ADP E . 8.88 6.88 -11.11
C4 ADP E . 9.95 7.23 -10.33
PB ADP F . 17.87 11.65 27.29
O1B ADP F . 17.22 12.97 27.65
O2B ADP F . 19.08 11.25 28.06
O3B ADP F . 18.14 11.52 25.80
PA ADP F . 15.16 10.75 27.85
O1A ADP F . 14.72 11.46 29.09
O2A ADP F . 14.71 11.36 26.55
O3A ADP F . 16.76 10.49 27.65
O5' ADP F . 14.77 9.18 27.94
C5' ADP F . 14.29 8.43 26.81
C4' ADP F . 12.88 7.80 27.00
O4' ADP F . 12.91 6.78 28.01
C3' ADP F . 11.77 8.72 27.49
O3' ADP F . 10.51 8.12 27.10
C2' ADP F . 11.91 8.68 28.99
O2' ADP F . 10.75 9.09 29.72
C1' ADP F . 12.27 7.24 29.21
N9 ADP F . 13.23 6.97 30.29
C8 ADP F . 14.57 7.13 30.28
N7 ADP F . 15.10 6.68 31.44
C5 ADP F . 14.09 6.21 32.20
C6 ADP F . 13.94 5.61 33.54
N6 ADP F . 15.01 5.40 34.34
N1 ADP F . 12.70 5.26 33.93
C2 ADP F . 11.60 5.47 33.16
N3 ADP F . 11.66 6.02 31.94
C4 ADP F . 12.86 6.39 31.43
#